data_5OF0
#
_entry.id   5OF0
#
_cell.length_a   101.467
_cell.length_b   130.461
_cell.length_c   159.574
_cell.angle_alpha   90.00
_cell.angle_beta   90.00
_cell.angle_gamma   90.00
#
_symmetry.space_group_name_H-M   'I 2 2 2'
#
loop_
_entity.id
_entity.type
_entity.pdbx_description
1 polymer 'Glutamate carboxypeptidase 2'
2 branched 2-acetamido-2-deoxy-beta-D-glucopyranose-(1-4)-2-acetamido-2-deoxy-beta-D-glucopyranose
3 branched alpha-D-mannopyranose-(1-3)-beta-D-mannopyranose-(1-4)-2-acetamido-2-deoxy-beta-D-glucopyranose-(1-4)-2-acetamido-2-deoxy-beta-D-glucopyranose
4 branched alpha-D-mannopyranose-(1-3)-[alpha-D-mannopyranose-(1-6)]beta-D-mannopyranose-(1-4)-2-acetamido-2-deoxy-beta-D-glucopyranose-(1-4)-2-acetamido-2-deoxy-beta-D-glucopyranose
5 non-polymer 2-acetamido-2-deoxy-beta-D-glucopyranose
6 non-polymer 'ZINC ION'
7 non-polymer 'CALCIUM ION'
8 non-polymer 'CHLORIDE ION'
9 non-polymer '(2~{S})-2-[[(2~{S})-6-[(4-fluorophenyl)methylamino]-1-oxidanyl-1,6-bis(oxidanylidene)hexan-2-yl]carbamoylamino]pentanedioic acid'
10 water water
#
_entity_poly.entity_id   1
_entity_poly.type   'polypeptide(L)'
_entity_poly.pdbx_seq_one_letter_code
;KSSNEATNITPKHNMKAFLDELKAENIKKFLYNFTQIPHLAGTEQNFQLAKQIQSQWKEFGLDSVELAHYDVLLSYPNKT
HPNYISIINEDGNEIFNTSLFEPPPPGYENVSDIVPPFSAFSPQGMPEGDLVYVNYARTEDFFKLERDMKINCSGKIVIA
RYGKVFRGNKVKNAQLAGAKGVILYSDPADYFAPGVKSYPDGWNLPGGGVQRGNILNLNGAGDPLTPGYPANEYAYRRGI
AEAVGLPSIPVHPIGYYDAQKLLEKMGGSAPPDSSWRGSLKVPYNVGPGFTGNFSTQKVKMHIHSTNEVTRIYNVIGTLR
GAVEPDRYVILGGHRDSWVFGGIDPQSGAAVVHEIVRSFGTLKKEGWRPRRTILFASWDAMEFGLLGSTEWAEENSRLLQ
ERGVAYINADSSIEGNYTLRVDCTPLMYSLVHNLTKELKSPDEGFEGKSLYESWTKKSPSPEFSGMPRISKLGSGNDFEV
FFQRLGIASGRARYTKNWETNKFSGYPLYHSVYETYELVEKFYDPMFKYHLTVAQVRGGMVFELANSIVLPFDCRDYAVV
LRKYADKIYSISMKHPQEMKTYSVSFDSLFSAVKNFTEIASKFSERLQDFDKSNPIVLRMMNDQLMFLERAFIDPLGLPD
RPFYRHVIYAPSSHNKYAGESFPGIYDALFDIESKVDPSKAWGEVKRQIYVAAFTVQAAAETLSEVA
;
_entity_poly.pdbx_strand_id   A
#
# COMPACT_ATOMS: atom_id res chain seq x y z
N LYS A 12 0.55 14.22 -35.00
CA LYS A 12 1.55 14.88 -34.10
C LYS A 12 1.94 13.98 -32.92
N HIS A 13 2.90 14.45 -32.13
CA HIS A 13 3.33 13.76 -30.89
C HIS A 13 2.75 14.48 -29.69
N ASN A 14 1.56 14.06 -29.27
CA ASN A 14 0.83 14.67 -28.17
C ASN A 14 0.30 13.54 -27.29
N MET A 15 -0.51 13.88 -26.29
CA MET A 15 -0.97 12.82 -25.40
C MET A 15 -1.88 11.84 -26.14
N LYS A 16 -2.71 12.35 -27.03
CA LYS A 16 -3.57 11.47 -27.81
C LYS A 16 -2.77 10.39 -28.57
N ALA A 17 -1.60 10.75 -29.10
CA ALA A 17 -0.80 9.80 -29.85
C ALA A 17 -0.27 8.73 -28.91
N PHE A 18 0.23 9.19 -27.76
CA PHE A 18 0.61 8.24 -26.71
C PHE A 18 -0.51 7.26 -26.31
N LEU A 19 -1.68 7.80 -26.01
CA LEU A 19 -2.79 7.00 -25.54
C LEU A 19 -3.29 6.03 -26.60
N ASP A 20 -3.32 6.50 -27.85
CA ASP A 20 -3.83 5.66 -28.96
C ASP A 20 -2.93 4.47 -29.25
N GLU A 21 -1.63 4.58 -28.92
CA GLU A 21 -0.70 3.50 -29.17
C GLU A 21 -0.87 2.32 -28.19
N LEU A 22 -1.41 2.59 -27.00
CA LEU A 22 -1.66 1.55 -26.01
C LEU A 22 -2.72 0.55 -26.53
N LYS A 23 -2.42 -0.75 -26.40
CA LYS A 23 -3.32 -1.83 -26.88
C LYS A 23 -3.65 -2.86 -25.82
N ALA A 24 -4.94 -3.13 -25.64
CA ALA A 24 -5.44 -4.20 -24.78
C ALA A 24 -4.79 -5.53 -25.10
N GLU A 25 -4.64 -5.85 -26.38
CA GLU A 25 -4.08 -7.16 -26.75
C GLU A 25 -2.61 -7.32 -26.33
N ASN A 26 -1.85 -6.21 -26.30
CA ASN A 26 -0.44 -6.24 -25.86
C ASN A 26 -0.40 -6.49 -24.35
N ILE A 27 -1.29 -5.83 -23.62
CA ILE A 27 -1.32 -6.03 -22.16
C ILE A 27 -1.64 -7.49 -21.86
N LYS A 28 -2.62 -8.07 -22.58
CA LYS A 28 -2.96 -9.47 -22.45
C LYS A 28 -1.78 -10.40 -22.70
N LYS A 29 -1.08 -10.18 -23.80
CA LYS A 29 0.13 -10.96 -24.10
C LYS A 29 1.22 -10.85 -23.01
N PHE A 30 1.40 -9.65 -22.49
CA PHE A 30 2.41 -9.48 -21.45
C PHE A 30 1.96 -10.14 -20.16
N LEU A 31 0.69 -10.04 -19.80
CA LEU A 31 0.20 -10.69 -18.61
C LEU A 31 0.42 -12.19 -18.69
N TYR A 32 0.02 -12.80 -19.80
CA TYR A 32 0.27 -14.21 -19.97
C TYR A 32 1.76 -14.55 -19.79
N ASN A 33 2.62 -13.78 -20.44
CA ASN A 33 4.06 -13.96 -20.41
C ASN A 33 4.66 -13.90 -18.98
N PHE A 34 4.07 -13.05 -18.15
CA PHE A 34 4.57 -12.81 -16.79
C PHE A 34 4.02 -13.73 -15.70
N THR A 35 3.09 -14.65 -16.02
CA THR A 35 2.38 -15.41 -15.02
C THR A 35 2.42 -16.93 -15.19
N GLN A 36 3.32 -17.44 -16.02
CA GLN A 36 3.38 -18.91 -16.24
C GLN A 36 4.11 -19.68 -15.16
N ILE A 37 5.05 -19.00 -14.47
CA ILE A 37 5.77 -19.60 -13.37
C ILE A 37 5.81 -18.63 -12.20
N PRO A 38 6.10 -19.13 -10.98
CA PRO A 38 6.20 -18.23 -9.84
C PRO A 38 7.41 -17.27 -9.99
N HIS A 39 7.26 -16.06 -9.46
CA HIS A 39 8.34 -15.06 -9.44
C HIS A 39 8.57 -14.52 -8.04
N LEU A 40 8.82 -15.44 -7.13
CA LEU A 40 9.09 -15.11 -5.69
C LEU A 40 10.37 -14.32 -5.55
N ALA A 41 10.32 -13.22 -4.77
CA ALA A 41 11.53 -12.45 -4.55
C ALA A 41 12.68 -13.30 -4.03
N GLY A 42 13.84 -13.03 -4.58
CA GLY A 42 15.09 -13.69 -4.23
C GLY A 42 15.32 -14.99 -4.96
N THR A 43 14.39 -15.42 -5.78
CA THR A 43 14.56 -16.68 -6.53
C THR A 43 15.13 -16.46 -7.93
N GLU A 44 15.72 -17.53 -8.49
CA GLU A 44 16.30 -17.43 -9.82
C GLU A 44 15.28 -17.01 -10.89
N GLN A 45 14.05 -17.51 -10.77
CA GLN A 45 13.01 -17.21 -11.75
C GLN A 45 12.70 -15.71 -11.79
N ASN A 46 12.75 -15.06 -10.63
CA ASN A 46 12.50 -13.61 -10.60
C ASN A 46 13.71 -12.79 -11.10
N PHE A 47 14.93 -13.29 -10.94
CA PHE A 47 16.11 -12.69 -11.53
C PHE A 47 16.01 -12.82 -13.06
N GLN A 48 15.61 -14.00 -13.55
N GLN A 48 15.61 -14.00 -13.54
CA GLN A 48 15.45 -14.14 -15.00
CA GLN A 48 15.44 -14.18 -14.98
C GLN A 48 14.40 -13.21 -15.58
C GLN A 48 14.39 -13.23 -15.58
N LEU A 49 13.29 -13.02 -14.88
CA LEU A 49 12.26 -12.11 -15.37
C LEU A 49 12.83 -10.66 -15.37
N ALA A 50 13.55 -10.27 -14.32
CA ALA A 50 14.18 -8.96 -14.32
C ALA A 50 15.08 -8.74 -15.55
N LYS A 51 15.88 -9.74 -15.88
CA LYS A 51 16.74 -9.65 -17.06
C LYS A 51 15.91 -9.54 -18.36
N GLN A 52 14.81 -10.27 -18.44
CA GLN A 52 13.92 -10.17 -19.61
C GLN A 52 13.34 -8.75 -19.76
N ILE A 53 12.86 -8.19 -18.64
CA ILE A 53 12.25 -6.87 -18.68
C ILE A 53 13.29 -5.84 -19.05
N GLN A 54 14.50 -5.97 -18.50
CA GLN A 54 15.59 -5.05 -18.87
C GLN A 54 15.84 -5.05 -20.38
N SER A 55 15.95 -6.26 -20.93
N SER A 55 15.94 -6.25 -20.94
CA SER A 55 16.18 -6.44 -22.36
CA SER A 55 16.19 -6.40 -22.37
C SER A 55 15.08 -5.81 -23.20
C SER A 55 15.08 -5.81 -23.21
N GLN A 56 13.83 -6.09 -22.83
CA GLN A 56 12.67 -5.57 -23.55
C GLN A 56 12.53 -4.07 -23.45
N TRP A 57 12.75 -3.47 -22.29
CA TRP A 57 12.72 -2.03 -22.19
C TRP A 57 13.77 -1.31 -23.05
N LYS A 58 14.94 -1.94 -23.17
CA LYS A 58 15.98 -1.44 -24.07
C LYS A 58 15.50 -1.52 -25.50
N GLU A 59 14.95 -2.66 -25.90
CA GLU A 59 14.40 -2.84 -27.27
C GLU A 59 13.25 -1.85 -27.55
N PHE A 60 12.41 -1.58 -26.53
CA PHE A 60 11.31 -0.62 -26.67
C PHE A 60 11.80 0.82 -26.90
N GLY A 61 13.06 1.13 -26.55
CA GLY A 61 13.70 2.38 -26.88
C GLY A 61 14.15 3.27 -25.74
N LEU A 62 14.11 2.77 -24.49
CA LEU A 62 14.60 3.61 -23.39
C LEU A 62 16.09 3.92 -23.56
N ASP A 63 16.54 5.06 -23.05
CA ASP A 63 17.92 5.48 -23.18
C ASP A 63 18.91 4.63 -22.39
N SER A 64 18.52 4.26 -21.16
CA SER A 64 19.33 3.33 -20.38
C SER A 64 18.39 2.48 -19.55
N VAL A 65 18.80 1.25 -19.31
CA VAL A 65 18.04 0.33 -18.47
C VAL A 65 19.03 -0.50 -17.67
N GLU A 66 19.04 -0.31 -16.33
CA GLU A 66 20.00 -0.99 -15.48
C GLU A 66 19.31 -1.79 -14.39
N LEU A 67 19.99 -2.80 -13.87
CA LEU A 67 19.54 -3.50 -12.69
C LEU A 67 20.22 -2.85 -11.49
N ALA A 68 19.44 -2.55 -10.47
CA ALA A 68 19.95 -2.06 -9.19
C ALA A 68 19.66 -3.15 -8.19
N HIS A 69 20.71 -3.80 -7.67
CA HIS A 69 20.57 -4.89 -6.73
C HIS A 69 20.97 -4.48 -5.31
N TYR A 70 20.42 -5.21 -4.36
CA TYR A 70 20.61 -5.04 -2.92
C TYR A 70 20.54 -6.41 -2.27
N ASP A 71 21.12 -6.53 -1.08
CA ASP A 71 21.09 -7.80 -0.32
C ASP A 71 20.34 -7.55 0.95
N VAL A 72 19.13 -8.07 1.00
CA VAL A 72 18.13 -7.72 2.04
C VAL A 72 17.64 -8.95 2.78
N LEU A 73 17.11 -8.76 3.98
CA LEU A 73 16.54 -9.88 4.73
C LEU A 73 15.21 -10.33 4.16
N LEU A 74 15.17 -11.59 3.70
CA LEU A 74 13.97 -12.28 3.23
C LEU A 74 13.66 -13.45 4.17
N SER A 75 12.57 -14.17 3.92
CA SER A 75 12.08 -15.22 4.78
C SER A 75 11.45 -16.28 3.90
N TYR A 76 11.79 -17.56 4.19
CA TYR A 76 11.27 -18.69 3.42
C TYR A 76 10.97 -19.87 4.31
N PRO A 77 9.95 -20.65 3.96
CA PRO A 77 9.79 -21.91 4.67
C PRO A 77 10.97 -22.83 4.45
N ASN A 78 11.12 -23.80 5.35
CA ASN A 78 12.11 -24.87 5.18
C ASN A 78 11.46 -25.99 4.36
N LYS A 79 12.02 -26.25 3.17
CA LYS A 79 11.46 -27.27 2.24
C LYS A 79 11.42 -28.68 2.81
N THR A 80 12.34 -29.00 3.70
CA THR A 80 12.35 -30.34 4.30
C THR A 80 11.82 -30.42 5.76
N HIS A 81 11.20 -29.35 6.24
CA HIS A 81 10.68 -29.28 7.59
C HIS A 81 9.45 -28.35 7.57
N PRO A 82 8.32 -28.87 7.07
CA PRO A 82 7.18 -28.01 6.74
C PRO A 82 6.48 -27.41 7.94
N ASN A 83 5.89 -26.23 7.71
CA ASN A 83 5.11 -25.54 8.71
C ASN A 83 3.69 -26.13 8.73
N TYR A 84 3.13 -26.27 9.93
CA TYR A 84 1.73 -26.74 10.10
C TYR A 84 1.26 -26.51 11.53
N ILE A 85 -0.04 -26.65 11.72
CA ILE A 85 -0.67 -26.52 13.01
C ILE A 85 -1.42 -27.82 13.28
N SER A 86 -1.41 -28.19 14.55
CA SER A 86 -2.16 -29.37 15.07
C SER A 86 -3.11 -29.07 16.19
N ILE A 87 -4.11 -29.95 16.32
CA ILE A 87 -4.80 -30.15 17.61
C ILE A 87 -4.12 -31.40 18.21
N ILE A 88 -3.66 -31.27 19.44
CA ILE A 88 -3.01 -32.37 20.15
C ILE A 88 -3.86 -32.78 21.32
N ASN A 89 -4.02 -34.10 21.50
CA ASN A 89 -4.75 -34.59 22.67
C ASN A 89 -3.82 -34.64 23.89
N GLU A 90 -4.39 -35.01 25.03
CA GLU A 90 -3.70 -35.01 26.32
C GLU A 90 -2.39 -35.84 26.38
N ASP A 91 -2.31 -36.90 25.57
CA ASP A 91 -1.09 -37.72 25.43
C ASP A 91 -0.01 -37.13 24.52
N GLY A 92 -0.33 -36.05 23.79
CA GLY A 92 0.58 -35.48 22.81
C GLY A 92 0.49 -36.10 21.41
N ASN A 93 -0.62 -36.79 21.10
CA ASN A 93 -0.88 -37.28 19.75
C ASN A 93 -1.51 -36.12 18.97
N GLU A 94 -1.07 -35.97 17.73
CA GLU A 94 -1.57 -34.91 16.85
C GLU A 94 -2.74 -35.48 16.07
N ILE A 95 -3.94 -35.13 16.52
CA ILE A 95 -5.19 -35.69 15.99
C ILE A 95 -5.79 -34.95 14.82
N PHE A 96 -5.28 -33.75 14.55
CA PHE A 96 -5.68 -33.03 13.35
C PHE A 96 -4.49 -32.17 12.96
N ASN A 97 -4.18 -32.16 11.66
CA ASN A 97 -3.12 -31.32 11.09
C ASN A 97 -3.66 -30.45 9.98
N THR A 98 -3.23 -29.17 9.97
CA THR A 98 -3.58 -28.29 8.86
C THR A 98 -2.79 -28.71 7.63
N SER A 99 -3.22 -28.24 6.46
CA SER A 99 -2.59 -28.63 5.19
C SER A 99 -1.15 -28.18 5.04
N LEU A 100 -0.41 -28.92 4.24
CA LEU A 100 0.98 -28.55 3.93
C LEU A 100 1.09 -27.68 2.67
N PHE A 101 0.02 -27.57 1.89
CA PHE A 101 0.04 -26.80 0.65
C PHE A 101 -1.39 -26.61 0.17
N GLU A 102 -1.61 -25.59 -0.67
CA GLU A 102 -2.91 -25.37 -1.33
C GLU A 102 -3.04 -26.35 -2.49
N PRO A 103 -4.22 -26.99 -2.65
CA PRO A 103 -4.40 -27.79 -3.88
C PRO A 103 -4.13 -26.99 -5.15
N PRO A 104 -3.18 -27.39 -5.99
CA PRO A 104 -2.85 -26.53 -7.12
C PRO A 104 -3.97 -26.49 -8.14
N PRO A 105 -4.10 -25.34 -8.83
CA PRO A 105 -5.18 -25.21 -9.81
C PRO A 105 -4.97 -26.08 -11.05
N PRO A 106 -6.05 -26.27 -11.84
CA PRO A 106 -5.97 -27.12 -13.03
C PRO A 106 -4.87 -26.77 -14.02
N GLY A 107 -4.08 -27.77 -14.40
CA GLY A 107 -3.00 -27.58 -15.34
C GLY A 107 -1.68 -27.07 -14.74
N TYR A 108 -1.67 -26.75 -13.45
CA TYR A 108 -0.48 -26.28 -12.69
C TYR A 108 -0.11 -27.26 -11.58
N GLU A 109 -0.69 -28.44 -11.61
CA GLU A 109 -0.49 -29.40 -10.54
C GLU A 109 0.95 -29.99 -10.59
N ASN A 110 1.68 -29.77 -11.70
CA ASN A 110 3.10 -30.15 -11.85
C ASN A 110 4.09 -28.96 -11.84
N VAL A 111 3.59 -27.76 -11.58
CA VAL A 111 4.46 -26.60 -11.52
C VAL A 111 5.27 -26.71 -10.21
N SER A 112 6.58 -26.57 -10.32
CA SER A 112 7.44 -26.64 -9.15
C SER A 112 7.67 -25.23 -8.57
N ASP A 113 8.25 -25.24 -7.37
CA ASP A 113 8.61 -24.03 -6.67
C ASP A 113 7.40 -23.15 -6.36
N ILE A 114 6.23 -23.74 -6.13
CA ILE A 114 5.13 -22.96 -5.50
C ILE A 114 5.42 -22.90 -4.00
N VAL A 115 5.69 -21.71 -3.47
CA VAL A 115 5.94 -21.60 -2.06
C VAL A 115 4.67 -21.93 -1.27
N PRO A 116 4.79 -22.83 -0.28
CA PRO A 116 3.56 -23.13 0.48
C PRO A 116 3.12 -21.93 1.29
N PRO A 117 1.85 -21.86 1.68
CA PRO A 117 1.41 -20.77 2.54
C PRO A 117 2.25 -20.64 3.81
N PHE A 118 2.65 -19.40 4.11
CA PHE A 118 3.41 -19.08 5.32
C PHE A 118 3.28 -17.60 5.59
N SER A 119 3.61 -17.20 6.83
CA SER A 119 3.69 -15.79 7.19
C SER A 119 5.15 -15.36 7.18
N ALA A 120 5.53 -14.53 6.19
CA ALA A 120 6.95 -14.17 6.04
C ALA A 120 7.38 -13.36 7.26
N PHE A 121 8.54 -13.79 7.76
CA PHE A 121 9.29 -13.23 8.89
C PHE A 121 8.85 -13.76 10.26
N SER A 122 7.94 -14.71 10.27
CA SER A 122 7.65 -15.41 11.53
C SER A 122 8.94 -15.98 12.11
N PRO A 123 9.11 -15.84 13.44
CA PRO A 123 10.17 -16.63 14.07
C PRO A 123 9.81 -18.10 14.14
N GLN A 124 10.81 -18.90 14.44
CA GLN A 124 10.60 -20.34 14.65
C GLN A 124 10.04 -20.60 16.01
N GLY A 125 9.28 -21.68 16.11
CA GLY A 125 8.82 -22.12 17.42
C GLY A 125 7.78 -23.21 17.30
N MET A 126 7.55 -23.87 18.43
CA MET A 126 6.50 -24.88 18.52
C MET A 126 5.59 -24.63 19.74
N PRO A 127 5.03 -23.43 19.88
CA PRO A 127 4.18 -23.12 21.03
C PRO A 127 2.92 -23.99 21.05
N GLU A 128 2.50 -24.35 22.25
CA GLU A 128 1.36 -25.22 22.47
C GLU A 128 0.51 -24.54 23.53
N GLY A 129 -0.79 -24.41 23.28
CA GLY A 129 -1.65 -23.73 24.23
C GLY A 129 -3.12 -23.74 23.88
N ASP A 130 -3.89 -22.93 24.61
CA ASP A 130 -5.32 -22.79 24.42
C ASP A 130 -5.58 -21.61 23.48
N LEU A 131 -6.60 -21.78 22.65
CA LEU A 131 -6.98 -20.76 21.69
C LEU A 131 -7.85 -19.68 22.29
N VAL A 132 -7.64 -18.44 21.83
CA VAL A 132 -8.60 -17.36 22.01
C VAL A 132 -8.90 -16.80 20.62
N TYR A 133 -10.18 -16.64 20.29
CA TYR A 133 -10.60 -16.02 19.03
C TYR A 133 -10.76 -14.52 19.24
N VAL A 134 -10.07 -13.74 18.39
CA VAL A 134 -9.94 -12.28 18.57
C VAL A 134 -10.54 -11.46 17.41
N ASN A 135 -11.49 -12.05 16.68
CA ASN A 135 -12.15 -11.38 15.56
C ASN A 135 -11.08 -11.00 14.51
N TYR A 136 -11.02 -9.72 14.13
CA TYR A 136 -10.00 -9.27 13.17
C TYR A 136 -8.68 -8.85 13.82
N ALA A 137 -8.52 -9.02 15.13
CA ALA A 137 -7.31 -8.65 15.84
C ALA A 137 -6.99 -7.16 15.70
N ARG A 138 -8.03 -6.35 15.54
CA ARG A 138 -7.89 -4.89 15.55
C ARG A 138 -7.70 -4.35 16.96
N THR A 139 -7.25 -3.12 17.05
CA THR A 139 -7.09 -2.46 18.36
C THR A 139 -8.40 -2.51 19.14
N GLU A 140 -9.51 -2.20 18.48
CA GLU A 140 -10.82 -2.21 19.17
C GLU A 140 -11.28 -3.63 19.53
N ASP A 141 -10.80 -4.64 18.82
CA ASP A 141 -11.16 -6.04 19.18
C ASP A 141 -10.47 -6.45 20.47
N PHE A 142 -9.20 -6.06 20.61
CA PHE A 142 -8.45 -6.30 21.83
C PHE A 142 -8.96 -5.43 22.99
N PHE A 143 -9.37 -4.20 22.71
CA PHE A 143 -10.02 -3.38 23.77
C PHE A 143 -11.25 -4.12 24.29
N LYS A 144 -12.08 -4.66 23.40
CA LYS A 144 -13.30 -5.37 23.81
C LYS A 144 -12.99 -6.60 24.65
N LEU A 145 -12.01 -7.40 24.24
CA LEU A 145 -11.61 -8.60 24.98
C LEU A 145 -11.13 -8.27 26.36
N GLU A 146 -10.15 -7.37 26.48
N GLU A 146 -10.20 -7.32 26.46
CA GLU A 146 -9.54 -7.06 27.78
CA GLU A 146 -9.49 -7.05 27.71
C GLU A 146 -10.48 -6.25 28.65
C GLU A 146 -10.23 -6.11 28.67
N ARG A 147 -10.92 -5.11 28.12
CA ARG A 147 -11.61 -4.10 28.94
C ARG A 147 -13.05 -4.47 29.28
N ASP A 148 -13.81 -4.97 28.31
CA ASP A 148 -15.22 -5.30 28.50
C ASP A 148 -15.42 -6.75 28.90
N MET A 149 -14.83 -7.68 28.15
CA MET A 149 -15.06 -9.10 28.41
C MET A 149 -14.15 -9.71 29.48
N LYS A 150 -13.09 -9.00 29.85
CA LYS A 150 -12.11 -9.46 30.85
C LYS A 150 -11.44 -10.79 30.47
N ILE A 151 -11.15 -10.95 29.18
CA ILE A 151 -10.45 -12.14 28.71
C ILE A 151 -8.98 -11.76 28.53
N ASN A 152 -8.09 -12.58 29.07
CA ASN A 152 -6.67 -12.32 29.10
C ASN A 152 -6.02 -13.23 28.05
N CYS A 153 -5.37 -12.64 27.04
CA CYS A 153 -4.69 -13.41 25.99
C CYS A 153 -3.29 -13.84 26.33
N SER A 154 -2.78 -13.46 27.50
CA SER A 154 -1.42 -13.79 27.90
C SER A 154 -1.17 -15.28 27.94
N GLY A 155 -0.15 -15.73 27.20
CA GLY A 155 0.18 -17.14 27.10
C GLY A 155 -0.77 -17.98 26.27
N LYS A 156 -1.73 -17.34 25.57
CA LYS A 156 -2.66 -18.05 24.71
C LYS A 156 -2.20 -17.98 23.24
N ILE A 157 -2.69 -18.91 22.44
CA ILE A 157 -2.57 -18.81 20.97
C ILE A 157 -3.82 -18.11 20.48
N VAL A 158 -3.67 -17.00 19.77
N VAL A 158 -3.63 -17.07 19.69
CA VAL A 158 -4.85 -16.31 19.27
CA VAL A 158 -4.69 -16.23 19.20
C VAL A 158 -5.09 -16.68 17.83
C VAL A 158 -5.06 -16.71 17.79
N ILE A 159 -6.37 -16.82 17.51
CA ILE A 159 -6.85 -17.08 16.16
C ILE A 159 -7.67 -15.88 15.69
N ALA A 160 -7.24 -15.32 14.55
CA ALA A 160 -7.82 -14.11 14.01
C ALA A 160 -8.20 -14.30 12.57
N ARG A 161 -9.32 -13.73 12.15
CA ARG A 161 -9.66 -13.68 10.77
C ARG A 161 -8.98 -12.53 10.05
N TYR A 162 -8.53 -12.84 8.84
CA TYR A 162 -8.00 -11.81 7.95
C TYR A 162 -9.09 -10.80 7.60
N GLY A 163 -8.69 -9.59 7.27
CA GLY A 163 -9.63 -8.58 6.86
C GLY A 163 -9.50 -7.30 7.64
N LYS A 164 -10.07 -6.25 7.08
CA LYS A 164 -10.20 -4.92 7.73
C LYS A 164 -8.91 -4.13 7.88
N VAL A 165 -7.85 -4.78 8.36
CA VAL A 165 -6.56 -4.11 8.58
C VAL A 165 -5.41 -4.97 8.10
N PHE A 166 -4.25 -4.32 7.89
CA PHE A 166 -3.02 -5.02 7.53
C PHE A 166 -2.66 -6.08 8.57
N ARG A 167 -2.27 -7.27 8.09
CA ARG A 167 -1.97 -8.39 9.00
C ARG A 167 -0.82 -8.14 9.97
N GLY A 168 0.13 -7.28 9.59
CA GLY A 168 1.19 -6.90 10.51
C GLY A 168 0.65 -6.20 11.74
N ASN A 169 -0.35 -5.36 11.58
CA ASN A 169 -0.99 -4.72 12.73
C ASN A 169 -1.69 -5.73 13.66
N LYS A 170 -2.32 -6.74 13.07
CA LYS A 170 -2.93 -7.84 13.86
C LYS A 170 -1.89 -8.51 14.75
N VAL A 171 -0.73 -8.81 14.18
CA VAL A 171 0.32 -9.51 14.88
C VAL A 171 0.90 -8.61 16.00
N LYS A 172 1.13 -7.33 15.69
CA LYS A 172 1.61 -6.39 16.69
C LYS A 172 0.62 -6.33 17.88
N ASN A 173 -0.66 -6.26 17.56
CA ASN A 173 -1.70 -6.16 18.58
C ASN A 173 -1.75 -7.45 19.42
N ALA A 174 -1.64 -8.62 18.78
CA ALA A 174 -1.61 -9.91 19.50
C ALA A 174 -0.40 -9.98 20.42
N GLN A 175 0.76 -9.56 19.92
CA GLN A 175 1.98 -9.53 20.76
C GLN A 175 1.82 -8.70 22.00
N LEU A 176 1.25 -7.51 21.85
CA LEU A 176 1.13 -6.60 23.00
C LEU A 176 0.08 -7.10 23.99
N ALA A 177 -0.86 -7.91 23.51
CA ALA A 177 -1.82 -8.60 24.37
C ALA A 177 -1.21 -9.80 25.10
N GLY A 178 0.05 -10.15 24.82
CA GLY A 178 0.74 -11.28 25.47
C GLY A 178 0.55 -12.64 24.82
N ALA A 179 -0.01 -12.71 23.62
CA ALA A 179 -0.19 -13.97 22.92
C ALA A 179 1.14 -14.68 22.68
N LYS A 180 1.13 -16.02 22.62
CA LYS A 180 2.36 -16.75 22.32
C LYS A 180 2.42 -17.29 20.90
N GLY A 181 1.38 -17.01 20.13
CA GLY A 181 1.33 -17.35 18.72
C GLY A 181 0.06 -16.83 18.10
N VAL A 182 0.04 -16.71 16.77
CA VAL A 182 -1.10 -16.19 16.04
C VAL A 182 -1.41 -17.11 14.85
N ILE A 183 -2.66 -17.49 14.71
CA ILE A 183 -3.18 -18.21 13.55
C ILE A 183 -4.10 -17.26 12.80
N LEU A 184 -3.78 -16.99 11.52
CA LEU A 184 -4.58 -16.13 10.65
C LEU A 184 -5.35 -17.01 9.68
N TYR A 185 -6.62 -16.70 9.45
CA TYR A 185 -7.41 -17.50 8.51
C TYR A 185 -8.34 -16.63 7.71
N SER A 186 -8.74 -17.13 6.55
CA SER A 186 -9.69 -16.45 5.69
C SER A 186 -11.12 -16.93 5.94
N ASP A 187 -11.97 -16.08 6.52
CA ASP A 187 -13.38 -16.45 6.74
C ASP A 187 -14.15 -16.22 5.46
N PRO A 188 -15.08 -17.13 5.11
CA PRO A 188 -15.90 -16.87 3.94
C PRO A 188 -16.74 -15.61 4.01
N ALA A 189 -17.04 -15.12 5.22
CA ALA A 189 -17.72 -13.82 5.33
C ALA A 189 -16.97 -12.69 4.59
N ASP A 190 -15.65 -12.76 4.63
CA ASP A 190 -14.77 -11.74 4.06
C ASP A 190 -14.16 -12.12 2.68
N TYR A 191 -14.10 -13.40 2.36
CA TYR A 191 -13.38 -13.85 1.13
C TYR A 191 -14.23 -14.78 0.25
N PHE A 192 -15.54 -14.81 0.49
CA PHE A 192 -16.45 -15.64 -0.36
C PHE A 192 -17.71 -14.81 -0.65
N ALA A 193 -17.75 -14.26 -1.86
CA ALA A 193 -18.86 -13.42 -2.31
C ALA A 193 -20.08 -14.31 -2.53
N PRO A 194 -21.25 -13.93 -1.97
CA PRO A 194 -22.47 -14.72 -2.22
C PRO A 194 -22.80 -14.88 -3.69
N GLY A 195 -23.20 -16.09 -4.08
CA GLY A 195 -23.62 -16.36 -5.43
C GLY A 195 -22.55 -16.66 -6.47
N VAL A 196 -21.27 -16.69 -6.07
CA VAL A 196 -20.20 -16.91 -7.04
C VAL A 196 -19.49 -18.20 -6.66
N LYS A 197 -19.00 -18.89 -7.67
CA LYS A 197 -18.35 -20.17 -7.47
C LYS A 197 -16.88 -20.00 -7.07
N SER A 198 -16.42 -20.97 -6.29
CA SER A 198 -14.99 -21.16 -5.99
C SER A 198 -14.17 -21.34 -7.25
N TYR A 199 -12.92 -20.84 -7.23
CA TYR A 199 -11.95 -21.14 -8.29
C TYR A 199 -11.81 -22.67 -8.43
N PRO A 200 -11.78 -23.25 -9.66
CA PRO A 200 -11.64 -22.59 -10.98
C PRO A 200 -12.91 -22.19 -11.72
N ASP A 201 -14.07 -22.37 -11.09
CA ASP A 201 -15.36 -22.13 -11.76
C ASP A 201 -15.90 -20.74 -11.48
N GLY A 202 -15.23 -19.98 -10.60
CA GLY A 202 -15.51 -18.58 -10.43
C GLY A 202 -14.33 -17.97 -9.70
N TRP A 203 -14.57 -16.78 -9.16
CA TRP A 203 -13.45 -15.99 -8.56
C TRP A 203 -13.38 -16.03 -7.04
N ASN A 204 -14.10 -16.94 -6.39
CA ASN A 204 -14.09 -17.08 -4.92
C ASN A 204 -12.98 -17.96 -4.41
N LEU A 205 -12.68 -17.82 -3.12
CA LEU A 205 -11.67 -18.58 -2.43
C LEU A 205 -12.25 -19.92 -2.04
N PRO A 206 -11.59 -21.02 -2.46
CA PRO A 206 -11.96 -22.34 -1.97
C PRO A 206 -11.50 -22.57 -0.55
N GLY A 207 -12.04 -23.59 0.12
CA GLY A 207 -11.73 -23.83 1.52
C GLY A 207 -10.30 -24.22 1.81
N GLY A 208 -9.59 -24.71 0.78
CA GLY A 208 -8.18 -25.02 0.86
C GLY A 208 -7.27 -23.86 0.48
N GLY A 209 -7.83 -22.75 0.00
CA GLY A 209 -7.04 -21.55 -0.37
C GLY A 209 -6.50 -20.87 0.88
N VAL A 210 -5.34 -20.23 0.73
CA VAL A 210 -4.67 -19.57 1.85
C VAL A 210 -3.98 -18.30 1.34
N GLN A 211 -4.14 -17.23 2.12
CA GLN A 211 -3.49 -15.94 1.85
C GLN A 211 -2.12 -15.87 2.48
N ARG A 212 -1.09 -15.80 1.63
CA ARG A 212 0.29 -15.49 2.06
C ARG A 212 0.41 -14.02 2.41
N GLY A 213 1.48 -13.69 3.11
CA GLY A 213 1.86 -12.27 3.25
C GLY A 213 2.75 -12.02 4.44
N ASN A 214 3.56 -10.96 4.36
CA ASN A 214 4.48 -10.66 5.45
C ASN A 214 3.73 -10.05 6.64
N ILE A 215 4.36 -10.20 7.82
CA ILE A 215 3.78 -9.74 9.07
C ILE A 215 4.69 -8.77 9.82
N LEU A 216 5.49 -8.03 9.03
CA LEU A 216 6.39 -7.02 9.62
C LEU A 216 5.66 -5.79 10.06
N ASN A 217 6.35 -5.03 10.94
CA ASN A 217 5.95 -3.67 11.30
C ASN A 217 7.13 -2.74 11.11
N LEU A 218 7.40 -2.46 9.84
CA LEU A 218 8.58 -1.69 9.48
C LEU A 218 8.44 -0.20 9.66
N ASN A 219 7.22 0.30 9.62
CA ASN A 219 7.00 1.76 9.66
C ASN A 219 7.87 2.57 8.69
N GLY A 220 8.00 2.03 7.48
CA GLY A 220 8.76 2.73 6.46
C GLY A 220 10.25 2.45 6.38
N ALA A 221 10.78 1.56 7.20
CA ALA A 221 12.23 1.43 7.28
C ALA A 221 12.89 0.77 6.09
N GLY A 222 12.20 -0.08 5.35
CA GLY A 222 12.87 -0.89 4.34
C GLY A 222 13.48 -2.14 4.88
N ASP A 223 14.56 -2.63 4.28
CA ASP A 223 15.27 -3.80 4.80
C ASP A 223 15.43 -3.73 6.33
N PRO A 224 14.95 -4.76 7.04
CA PRO A 224 15.07 -4.74 8.49
C PRO A 224 16.47 -4.51 9.06
N LEU A 225 17.51 -4.86 8.31
CA LEU A 225 18.87 -4.79 8.81
C LEU A 225 19.63 -3.50 8.54
N THR A 226 19.09 -2.63 7.67
CA THR A 226 19.83 -1.43 7.21
C THR A 226 18.98 -0.16 7.20
N PRO A 227 18.23 0.13 8.26
CA PRO A 227 17.37 1.32 8.20
C PRO A 227 18.15 2.61 7.95
N GLY A 228 17.74 3.42 6.97
CA GLY A 228 18.38 4.67 6.65
C GLY A 228 19.32 4.67 5.48
N TYR A 229 19.81 3.49 5.11
CA TYR A 229 20.93 3.37 4.18
C TYR A 229 20.71 2.18 3.25
N PRO A 230 21.18 2.28 2.00
CA PRO A 230 20.96 1.14 1.13
C PRO A 230 21.76 -0.09 1.46
N ALA A 231 21.15 -1.25 1.24
CA ALA A 231 21.75 -2.54 1.56
C ALA A 231 22.68 -2.97 0.41
N ASN A 232 23.74 -2.17 0.25
CA ASN A 232 24.74 -2.35 -0.82
C ASN A 232 25.80 -3.34 -0.39
N GLU A 233 26.89 -3.48 -1.17
CA GLU A 233 27.88 -4.53 -0.90
C GLU A 233 28.68 -4.35 0.37
N TYR A 234 28.81 -3.10 0.84
CA TYR A 234 29.63 -2.80 2.04
C TYR A 234 28.79 -2.38 3.22
N ALA A 235 27.48 -2.60 3.14
CA ALA A 235 26.61 -2.18 4.19
C ALA A 235 26.91 -2.87 5.51
N TYR A 236 26.78 -2.13 6.60
N TYR A 236 26.81 -2.08 6.59
CA TYR A 236 26.94 -2.69 7.91
CA TYR A 236 26.74 -2.55 7.96
C TYR A 236 25.53 -2.95 8.46
C TYR A 236 25.33 -3.02 8.18
N ARG A 237 25.24 -4.22 8.74
CA ARG A 237 23.96 -4.74 9.08
C ARG A 237 23.78 -4.87 10.56
N ARG A 238 22.61 -4.46 11.03
CA ARG A 238 22.18 -4.81 12.38
C ARG A 238 22.17 -6.33 12.56
N GLY A 239 22.39 -6.76 13.81
CA GLY A 239 22.11 -8.12 14.16
C GLY A 239 20.61 -8.35 14.23
N ILE A 240 20.18 -9.59 14.09
CA ILE A 240 18.74 -9.93 14.12
C ILE A 240 18.02 -9.36 15.32
N ALA A 241 18.65 -9.43 16.50
CA ALA A 241 18.01 -8.88 17.69
C ALA A 241 17.70 -7.40 17.66
N GLU A 242 18.42 -6.63 16.84
CA GLU A 242 18.20 -5.18 16.72
C GLU A 242 17.51 -4.82 15.38
N ALA A 243 17.10 -5.82 14.63
CA ALA A 243 16.46 -5.56 13.33
C ALA A 243 15.15 -4.82 13.51
N VAL A 244 14.72 -4.11 12.47
CA VAL A 244 13.46 -3.40 12.56
C VAL A 244 12.29 -4.27 12.17
N GLY A 245 11.27 -4.29 13.02
CA GLY A 245 9.94 -4.73 12.61
C GLY A 245 9.61 -6.21 12.69
N LEU A 246 10.52 -7.03 13.22
CA LEU A 246 10.29 -8.48 13.21
C LEU A 246 9.31 -8.86 14.33
N PRO A 247 8.44 -9.82 14.05
CA PRO A 247 7.53 -10.31 15.10
C PRO A 247 8.27 -11.20 16.09
N SER A 248 7.79 -11.24 17.32
N SER A 248 7.79 -11.23 17.33
CA SER A 248 8.41 -12.02 18.41
CA SER A 248 8.41 -12.03 18.39
C SER A 248 7.76 -13.38 18.66
C SER A 248 7.65 -13.29 18.79
N ILE A 249 6.62 -13.63 18.04
CA ILE A 249 5.84 -14.87 18.24
C ILE A 249 5.56 -15.52 16.89
N PRO A 250 5.48 -16.86 16.85
CA PRO A 250 5.15 -17.52 15.59
C PRO A 250 3.75 -17.24 15.05
N VAL A 251 3.65 -17.21 13.72
CA VAL A 251 2.42 -16.87 13.03
C VAL A 251 2.29 -17.75 11.80
N HIS A 252 1.08 -18.16 11.48
CA HIS A 252 0.86 -19.00 10.29
C HIS A 252 -0.54 -18.79 9.76
N PRO A 253 -0.73 -18.79 8.41
CA PRO A 253 -2.04 -18.61 7.84
C PRO A 253 -2.65 -19.95 7.34
N ILE A 254 -3.96 -20.05 7.49
CA ILE A 254 -4.74 -21.22 7.03
C ILE A 254 -6.00 -20.82 6.29
N GLY A 255 -6.58 -21.80 5.59
CA GLY A 255 -7.84 -21.65 4.90
C GLY A 255 -9.03 -22.00 5.79
N TYR A 256 -10.21 -21.83 5.26
CA TYR A 256 -11.39 -21.97 6.10
C TYR A 256 -11.82 -23.41 6.35
N TYR A 257 -11.43 -24.36 5.50
CA TYR A 257 -11.63 -25.77 5.93
C TYR A 257 -10.86 -26.12 7.20
N ASP A 258 -9.60 -25.72 7.26
CA ASP A 258 -8.78 -25.95 8.45
C ASP A 258 -9.25 -25.11 9.62
N ALA A 259 -9.64 -23.85 9.36
CA ALA A 259 -10.13 -22.98 10.45
C ALA A 259 -11.34 -23.56 11.13
N GLN A 260 -12.27 -24.06 10.33
CA GLN A 260 -13.47 -24.73 10.89
C GLN A 260 -13.10 -25.82 11.89
N LYS A 261 -12.08 -26.60 11.59
CA LYS A 261 -11.63 -27.64 12.54
C LYS A 261 -11.05 -27.08 13.84
N LEU A 262 -10.34 -25.96 13.78
CA LEU A 262 -9.84 -25.33 14.99
C LEU A 262 -10.90 -24.57 15.78
N LEU A 263 -11.90 -23.99 15.11
CA LEU A 263 -12.89 -23.17 15.76
C LEU A 263 -14.08 -23.96 16.31
N GLU A 264 -14.41 -25.08 15.68
CA GLU A 264 -15.66 -25.80 16.03
C GLU A 264 -15.72 -26.27 17.48
N LYS A 265 -14.58 -26.60 18.08
CA LYS A 265 -14.57 -27.03 19.49
C LYS A 265 -14.44 -25.91 20.49
N MET A 266 -14.35 -24.65 20.05
CA MET A 266 -14.14 -23.56 21.00
C MET A 266 -15.28 -23.36 22.00
N GLY A 267 -14.86 -23.15 23.25
CA GLY A 267 -15.78 -22.88 24.34
C GLY A 267 -15.53 -21.55 24.99
N GLY A 268 -15.66 -21.52 26.31
CA GLY A 268 -15.55 -20.29 27.06
C GLY A 268 -16.67 -19.34 26.70
N SER A 269 -16.34 -18.05 26.68
CA SER A 269 -17.31 -17.02 26.46
C SER A 269 -17.87 -16.99 25.03
N ALA A 270 -19.15 -16.63 24.91
CA ALA A 270 -19.83 -16.46 23.62
C ALA A 270 -19.24 -15.23 22.91
N PRO A 271 -19.44 -15.09 21.57
CA PRO A 271 -19.06 -13.84 20.90
C PRO A 271 -19.87 -12.69 21.47
N PRO A 272 -19.29 -11.50 21.61
CA PRO A 272 -20.00 -10.41 22.28
C PRO A 272 -21.17 -9.82 21.47
N ASP A 273 -21.18 -10.02 20.15
CA ASP A 273 -22.24 -9.55 19.24
C ASP A 273 -21.99 -10.10 17.83
N SER A 274 -22.88 -9.78 16.89
CA SER A 274 -22.85 -10.37 15.54
C SER A 274 -21.68 -9.91 14.67
N SER A 275 -21.06 -8.76 14.98
CA SER A 275 -19.88 -8.29 14.24
C SER A 275 -18.64 -9.17 14.48
N TRP A 276 -18.72 -10.05 15.48
CA TRP A 276 -17.70 -11.07 15.76
C TRP A 276 -17.91 -12.41 15.08
N ARG A 277 -19.09 -12.63 14.46
CA ARG A 277 -19.40 -13.88 13.80
C ARG A 277 -19.19 -13.78 12.30
N GLY A 278 -18.37 -14.68 11.76
CA GLY A 278 -18.26 -14.91 10.34
C GLY A 278 -19.31 -15.87 9.85
N SER A 279 -19.05 -16.54 8.74
CA SER A 279 -20.05 -17.36 8.02
C SER A 279 -19.89 -18.86 8.17
N LEU A 280 -18.89 -19.34 8.91
CA LEU A 280 -18.73 -20.78 9.14
C LEU A 280 -19.80 -21.25 10.14
N LYS A 281 -20.08 -22.53 10.08
CA LYS A 281 -21.04 -23.16 11.00
C LYS A 281 -20.36 -23.55 12.30
N VAL A 282 -19.97 -22.53 13.04
CA VAL A 282 -19.38 -22.63 14.35
C VAL A 282 -19.97 -21.50 15.19
N PRO A 283 -19.86 -21.59 16.52
CA PRO A 283 -20.45 -20.55 17.37
C PRO A 283 -19.67 -19.23 17.42
N TYR A 284 -18.39 -19.27 17.01
CA TYR A 284 -17.47 -18.12 17.16
C TYR A 284 -17.28 -17.74 18.64
N ASN A 285 -17.24 -18.76 19.50
CA ASN A 285 -16.88 -18.55 20.90
C ASN A 285 -15.46 -18.00 21.00
N VAL A 286 -15.24 -17.16 22.01
CA VAL A 286 -13.98 -16.44 22.15
C VAL A 286 -12.96 -17.30 22.90
N GLY A 287 -13.43 -18.29 23.68
CA GLY A 287 -12.48 -19.06 24.50
C GLY A 287 -12.32 -18.41 25.86
N PRO A 288 -11.21 -18.67 26.56
CA PRO A 288 -10.08 -19.50 26.10
C PRO A 288 -10.37 -20.99 26.05
N GLY A 289 -9.75 -21.70 25.12
CA GLY A 289 -9.85 -23.16 25.09
C GLY A 289 -11.13 -23.75 24.51
N PHE A 290 -11.21 -25.08 24.60
CA PHE A 290 -12.27 -25.86 23.99
C PHE A 290 -13.35 -26.23 25.03
N THR A 291 -14.52 -26.64 24.55
CA THR A 291 -15.62 -27.07 25.43
C THR A 291 -15.30 -28.37 26.18
N GLY A 292 -16.04 -28.60 27.27
CA GLY A 292 -15.85 -29.70 28.23
C GLY A 292 -15.21 -31.00 27.77
N ASN A 293 -15.82 -31.65 26.77
CA ASN A 293 -15.30 -32.94 26.28
C ASN A 293 -13.87 -32.87 25.74
N PHE A 294 -13.50 -31.70 25.20
CA PHE A 294 -12.21 -31.51 24.54
C PHE A 294 -11.28 -30.55 25.30
N SER A 295 -11.58 -30.29 26.56
CA SER A 295 -10.91 -29.23 27.33
C SER A 295 -9.43 -29.50 27.59
N THR A 296 -9.02 -30.77 27.52
CA THR A 296 -7.63 -31.18 27.73
C THR A 296 -6.81 -31.17 26.44
N GLN A 297 -7.48 -31.02 25.30
CA GLN A 297 -6.81 -30.87 24.01
C GLN A 297 -6.26 -29.46 23.90
N LYS A 298 -5.21 -29.30 23.09
CA LYS A 298 -4.56 -28.00 22.88
C LYS A 298 -4.22 -27.84 21.42
N VAL A 299 -3.79 -26.63 21.07
CA VAL A 299 -3.32 -26.34 19.73
C VAL A 299 -1.83 -26.13 19.76
N LYS A 300 -1.13 -26.70 18.78
CA LYS A 300 0.31 -26.65 18.69
C LYS A 300 0.72 -26.15 17.30
N MET A 301 1.50 -25.07 17.26
CA MET A 301 2.08 -24.59 16.01
C MET A 301 3.45 -25.22 15.79
N HIS A 302 3.83 -25.38 14.52
CA HIS A 302 5.15 -25.83 14.14
C HIS A 302 5.68 -24.94 13.03
N ILE A 303 6.54 -23.99 13.40
CA ILE A 303 7.05 -23.01 12.45
C ILE A 303 8.56 -23.10 12.41
N HIS A 304 9.09 -23.33 11.22
CA HIS A 304 10.50 -23.59 10.97
C HIS A 304 11.10 -22.75 9.83
N SER A 305 10.37 -21.71 9.44
CA SER A 305 10.88 -20.79 8.42
C SER A 305 12.16 -20.12 8.88
N THR A 306 12.95 -19.67 7.91
CA THR A 306 14.20 -18.98 8.24
C THR A 306 14.32 -17.65 7.54
N ASN A 307 14.91 -16.70 8.24
CA ASN A 307 15.21 -15.40 7.62
C ASN A 307 16.63 -15.49 7.04
N GLU A 308 16.82 -14.94 5.85
CA GLU A 308 18.07 -15.09 5.12
C GLU A 308 18.33 -13.86 4.25
N VAL A 309 19.52 -13.30 4.35
CA VAL A 309 19.92 -12.19 3.49
C VAL A 309 20.07 -12.72 2.06
N THR A 310 19.37 -12.08 1.13
CA THR A 310 19.17 -12.57 -0.22
C THR A 310 19.23 -11.39 -1.20
N ARG A 311 19.83 -11.62 -2.34
CA ARG A 311 19.94 -10.58 -3.38
C ARG A 311 18.58 -10.36 -4.09
N ILE A 312 18.25 -9.08 -4.32
CA ILE A 312 17.06 -8.65 -5.05
C ILE A 312 17.50 -7.68 -6.15
N TYR A 313 16.64 -7.52 -7.17
CA TYR A 313 16.97 -6.77 -8.36
C TYR A 313 15.85 -5.88 -8.80
N ASN A 314 16.08 -4.58 -8.80
CA ASN A 314 15.12 -3.63 -9.38
C ASN A 314 15.53 -3.36 -10.83
N VAL A 315 14.58 -3.21 -11.74
CA VAL A 315 14.93 -2.71 -13.10
C VAL A 315 14.59 -1.24 -13.16
N ILE A 316 15.56 -0.41 -13.54
CA ILE A 316 15.38 1.03 -13.64
C ILE A 316 15.65 1.49 -15.08
N GLY A 317 14.62 2.01 -15.72
CA GLY A 317 14.70 2.52 -17.10
C GLY A 317 14.59 4.03 -17.11
N THR A 318 15.36 4.66 -18.00
CA THR A 318 15.38 6.11 -18.10
C THR A 318 15.01 6.55 -19.50
N LEU A 319 14.08 7.50 -19.60
CA LEU A 319 13.79 8.22 -20.85
C LEU A 319 14.14 9.68 -20.56
N ARG A 320 15.30 10.12 -21.04
CA ARG A 320 15.81 11.45 -20.73
C ARG A 320 14.93 12.58 -21.28
N GLY A 321 14.65 13.58 -20.46
CA GLY A 321 13.91 14.77 -20.84
C GLY A 321 14.69 15.65 -21.81
N ALA A 322 13.94 16.25 -22.72
CA ALA A 322 14.52 17.16 -23.71
C ALA A 322 14.87 18.53 -23.19
N VAL A 323 14.11 19.02 -22.21
CA VAL A 323 14.25 20.39 -21.71
C VAL A 323 14.67 20.45 -20.26
N GLU A 324 14.03 19.62 -19.43
CA GLU A 324 14.32 19.54 -17.97
C GLU A 324 14.72 18.12 -17.61
N PRO A 325 15.88 17.67 -18.09
CA PRO A 325 16.31 16.31 -17.80
C PRO A 325 16.62 16.04 -16.31
N ASP A 326 16.84 17.13 -15.55
CA ASP A 326 17.02 17.04 -14.12
C ASP A 326 15.73 17.11 -13.31
N ARG A 327 14.60 16.78 -13.92
CA ARG A 327 13.31 16.65 -13.25
C ARG A 327 12.78 15.30 -13.59
N TYR A 328 12.47 14.53 -12.56
CA TYR A 328 12.06 13.12 -12.71
C TYR A 328 10.60 12.89 -12.39
N VAL A 329 9.91 12.24 -13.33
CA VAL A 329 8.57 11.70 -13.14
C VAL A 329 8.73 10.20 -13.15
N ILE A 330 8.27 9.51 -12.10
CA ILE A 330 8.53 8.11 -11.89
C ILE A 330 7.26 7.30 -11.97
N LEU A 331 7.30 6.25 -12.80
CA LEU A 331 6.27 5.23 -12.86
C LEU A 331 6.86 3.94 -12.39
N GLY A 332 6.37 3.45 -11.26
CA GLY A 332 6.96 2.27 -10.61
C GLY A 332 5.91 1.30 -10.08
N GLY A 333 6.26 0.04 -10.13
CA GLY A 333 5.45 -0.99 -9.54
C GLY A 333 6.29 -2.24 -9.40
N HIS A 334 5.83 -3.16 -8.56
CA HIS A 334 6.63 -4.35 -8.29
C HIS A 334 6.40 -5.50 -9.29
N ARG A 335 7.37 -6.39 -9.27
CA ARG A 335 7.48 -7.56 -10.15
C ARG A 335 7.42 -8.84 -9.39
N ASP A 336 7.93 -8.88 -8.16
CA ASP A 336 7.89 -10.10 -7.34
C ASP A 336 6.47 -10.46 -6.98
N SER A 337 6.17 -11.74 -6.96
CA SER A 337 4.87 -12.24 -6.58
C SER A 337 5.00 -13.31 -5.52
N TRP A 338 3.91 -13.59 -4.85
CA TRP A 338 3.88 -14.73 -3.92
C TRP A 338 3.89 -16.05 -4.68
N VAL A 339 3.03 -16.21 -5.69
CA VAL A 339 3.05 -17.38 -6.58
C VAL A 339 3.04 -16.85 -8.03
N PHE A 340 1.93 -17.00 -8.76
CA PHE A 340 1.88 -16.62 -10.16
C PHE A 340 1.63 -15.15 -10.39
N GLY A 341 1.03 -14.47 -9.40
CA GLY A 341 0.84 -13.03 -9.52
C GLY A 341 -0.09 -12.58 -10.63
N GLY A 342 -1.10 -13.41 -10.93
CA GLY A 342 -2.05 -13.08 -12.01
C GLY A 342 -2.67 -11.72 -11.91
N ILE A 343 -3.10 -11.32 -10.72
CA ILE A 343 -3.50 -9.95 -10.48
C ILE A 343 -2.29 -9.17 -9.89
N ASP A 344 -1.81 -9.68 -8.76
CA ASP A 344 -0.80 -8.96 -7.91
C ASP A 344 0.58 -9.57 -8.10
N PRO A 345 1.51 -8.92 -8.83
CA PRO A 345 1.42 -7.59 -9.41
C PRO A 345 1.30 -7.57 -10.91
N GLN A 346 1.21 -8.73 -11.56
CA GLN A 346 1.50 -8.72 -13.00
C GLN A 346 0.44 -8.00 -13.86
N SER A 347 -0.77 -7.85 -13.38
CA SER A 347 -1.75 -7.02 -14.03
C SER A 347 -1.31 -5.58 -14.10
N GLY A 348 -0.55 -5.15 -13.09
CA GLY A 348 0.11 -3.85 -13.09
C GLY A 348 1.37 -3.80 -13.91
N ALA A 349 2.25 -4.79 -13.75
CA ALA A 349 3.47 -4.85 -14.54
C ALA A 349 3.25 -4.92 -16.02
N ALA A 350 2.20 -5.62 -16.45
CA ALA A 350 1.89 -5.69 -17.87
C ALA A 350 1.48 -4.35 -18.43
N VAL A 351 0.75 -3.58 -17.60
CA VAL A 351 0.38 -2.22 -17.94
C VAL A 351 1.61 -1.30 -18.02
N VAL A 352 2.54 -1.35 -17.06
CA VAL A 352 3.77 -0.60 -17.16
C VAL A 352 4.55 -0.94 -18.45
N HIS A 353 4.61 -2.24 -18.77
CA HIS A 353 5.35 -2.73 -19.95
C HIS A 353 4.77 -2.09 -21.23
N GLU A 354 3.45 -2.05 -21.33
CA GLU A 354 2.80 -1.44 -22.50
C GLU A 354 2.95 0.08 -22.52
N ILE A 355 2.95 0.72 -21.35
CA ILE A 355 3.27 2.15 -21.28
C ILE A 355 4.68 2.47 -21.74
N VAL A 356 5.67 1.70 -21.28
CA VAL A 356 7.03 1.85 -21.77
C VAL A 356 7.08 1.67 -23.28
N ARG A 357 6.41 0.64 -23.76
CA ARG A 357 6.40 0.38 -25.21
C ARG A 357 5.86 1.57 -26.00
N SER A 358 4.75 2.15 -25.55
CA SER A 358 4.13 3.28 -26.19
C SER A 358 5.01 4.54 -26.15
N PHE A 359 5.58 4.88 -24.99
CA PHE A 359 6.53 5.97 -24.94
C PHE A 359 7.73 5.74 -25.87
N GLY A 360 8.23 4.51 -25.93
CA GLY A 360 9.35 4.17 -26.79
C GLY A 360 9.04 4.30 -28.29
N THR A 361 7.79 4.06 -28.66
CA THR A 361 7.33 4.25 -30.03
C THR A 361 7.44 5.73 -30.43
N LEU A 362 7.00 6.63 -29.55
CA LEU A 362 7.10 8.05 -29.80
C LEU A 362 8.55 8.48 -29.86
N LYS A 363 9.37 7.96 -28.94
CA LYS A 363 10.79 8.27 -28.92
C LYS A 363 11.51 7.85 -30.22
N LYS A 364 11.16 6.69 -30.76
CA LYS A 364 11.77 6.22 -32.03
C LYS A 364 11.40 7.11 -33.21
N GLU A 365 10.28 7.83 -33.12
CA GLU A 365 9.88 8.85 -34.12
C GLU A 365 10.44 10.25 -33.87
N GLY A 366 11.30 10.39 -32.85
CA GLY A 366 12.01 11.63 -32.58
C GLY A 366 11.52 12.46 -31.42
N TRP A 367 10.52 11.96 -30.68
CA TRP A 367 9.93 12.73 -29.60
C TRP A 367 10.70 12.40 -28.33
N ARG A 368 10.73 13.37 -27.45
CA ARG A 368 11.16 13.15 -26.06
C ARG A 368 10.22 13.95 -25.19
N PRO A 369 9.95 13.43 -23.96
CA PRO A 369 9.21 14.23 -23.02
C PRO A 369 9.99 15.44 -22.54
N ARG A 370 9.31 16.44 -22.02
CA ARG A 370 9.97 17.63 -21.51
C ARG A 370 10.92 17.29 -20.35
N ARG A 371 10.37 16.55 -19.41
CA ARG A 371 11.12 16.09 -18.20
C ARG A 371 11.50 14.62 -18.36
N THR A 372 12.46 14.16 -17.59
CA THR A 372 12.87 12.78 -17.57
C THR A 372 11.79 11.90 -16.95
N ILE A 373 11.53 10.76 -17.59
CA ILE A 373 10.70 9.74 -17.03
C ILE A 373 11.55 8.55 -16.63
N LEU A 374 11.36 8.12 -15.37
CA LEU A 374 11.98 6.91 -14.84
C LEU A 374 10.90 5.84 -14.69
N PHE A 375 11.23 4.63 -15.12
CA PHE A 375 10.38 3.48 -15.03
C PHE A 375 11.05 2.45 -14.13
N ALA A 376 10.27 1.88 -13.22
CA ALA A 376 10.81 0.94 -12.23
C ALA A 376 9.97 -0.33 -12.15
N SER A 377 10.68 -1.46 -12.13
CA SER A 377 10.18 -2.78 -11.80
C SER A 377 10.82 -3.17 -10.47
N TRP A 378 10.08 -2.96 -9.40
CA TRP A 378 10.64 -3.16 -8.05
C TRP A 378 10.64 -4.65 -7.65
N ASP A 379 11.63 -5.03 -6.86
CA ASP A 379 11.68 -6.36 -6.27
C ASP A 379 11.35 -6.34 -4.78
N ALA A 380 11.04 -7.53 -4.28
CA ALA A 380 10.83 -7.77 -2.85
C ALA A 380 9.81 -6.84 -2.22
N MET A 381 8.84 -6.41 -2.99
CA MET A 381 7.73 -5.62 -2.43
C MET A 381 6.97 -6.45 -1.40
N GLU A 382 6.69 -7.69 -1.75
CA GLU A 382 5.88 -8.53 -0.90
C GLU A 382 6.50 -8.78 0.48
N PHE A 383 7.83 -8.54 0.60
CA PHE A 383 8.56 -8.73 1.86
C PHE A 383 8.77 -7.44 2.62
N GLY A 384 8.04 -6.37 2.25
CA GLY A 384 8.04 -5.14 3.00
C GLY A 384 8.47 -3.93 2.22
N LEU A 385 8.12 -3.84 0.94
CA LEU A 385 8.43 -2.68 0.12
C LEU A 385 9.97 -2.49 0.04
N LEU A 386 10.70 -3.62 0.01
CA LEU A 386 12.13 -3.54 0.20
C LEU A 386 12.91 -2.96 -0.99
N GLY A 387 12.55 -3.34 -2.21
CA GLY A 387 13.26 -2.88 -3.40
C GLY A 387 13.13 -1.41 -3.63
N SER A 388 11.91 -0.89 -3.55
CA SER A 388 11.69 0.53 -3.76
C SER A 388 12.39 1.32 -2.66
N THR A 389 12.24 0.84 -1.42
CA THR A 389 12.82 1.58 -0.27
C THR A 389 14.34 1.63 -0.32
N GLU A 390 14.98 0.52 -0.63
CA GLU A 390 16.43 0.54 -0.70
C GLU A 390 16.92 1.45 -1.83
N TRP A 391 16.28 1.42 -2.99
CA TRP A 391 16.63 2.30 -4.07
C TRP A 391 16.47 3.76 -3.74
N ALA A 392 15.39 4.11 -3.08
CA ALA A 392 15.14 5.46 -2.67
C ALA A 392 16.14 5.87 -1.62
N GLU A 393 16.51 4.94 -0.73
CA GLU A 393 17.57 5.26 0.26
C GLU A 393 18.88 5.58 -0.46
N GLU A 394 19.22 4.78 -1.44
CA GLU A 394 20.44 5.04 -2.22
C GLU A 394 20.41 6.39 -2.93
N ASN A 395 19.26 6.75 -3.48
CA ASN A 395 19.13 7.89 -4.37
C ASN A 395 18.38 9.06 -3.79
N SER A 396 18.31 9.11 -2.45
CA SER A 396 17.46 10.09 -1.78
C SER A 396 17.82 11.53 -2.14
N ARG A 397 19.09 11.87 -2.28
CA ARG A 397 19.47 13.24 -2.61
C ARG A 397 18.98 13.65 -3.99
N LEU A 398 19.09 12.73 -4.94
CA LEU A 398 18.60 13.00 -6.27
C LEU A 398 17.09 13.17 -6.26
N LEU A 399 16.41 12.29 -5.54
CA LEU A 399 14.96 12.31 -5.49
C LEU A 399 14.41 13.53 -4.80
N GLN A 400 14.97 13.94 -3.66
N GLN A 400 15.05 13.88 -3.65
CA GLN A 400 14.33 15.06 -3.01
CA GLN A 400 14.72 15.07 -2.86
C GLN A 400 14.64 16.42 -3.71
C GLN A 400 14.66 16.33 -3.73
N GLU A 401 15.71 16.52 -4.52
CA GLU A 401 15.93 17.77 -5.21
C GLU A 401 15.37 17.79 -6.63
N ARG A 402 15.04 16.61 -7.15
CA ARG A 402 14.63 16.51 -8.56
C ARG A 402 13.31 15.81 -8.79
N GLY A 403 12.73 15.18 -7.77
CA GLY A 403 11.58 14.32 -7.94
C GLY A 403 10.32 15.14 -8.06
N VAL A 404 9.69 15.07 -9.24
CA VAL A 404 8.42 15.75 -9.45
C VAL A 404 7.22 14.98 -8.89
N ALA A 405 7.15 13.69 -9.25
CA ALA A 405 6.02 12.89 -8.92
C ALA A 405 6.33 11.41 -9.08
N TYR A 406 5.58 10.61 -8.33
CA TYR A 406 5.63 9.16 -8.36
C TYR A 406 4.23 8.63 -8.61
N ILE A 407 4.07 7.82 -9.67
CA ILE A 407 2.83 7.13 -9.96
C ILE A 407 3.07 5.64 -9.75
N ASN A 408 2.29 5.03 -8.86
CA ASN A 408 2.44 3.62 -8.56
C ASN A 408 1.73 2.74 -9.62
N ALA A 409 2.15 1.49 -9.68
CA ALA A 409 1.57 0.58 -10.69
C ALA A 409 1.64 -0.86 -10.23
N ASP A 410 1.02 -1.13 -9.11
CA ASP A 410 0.70 -2.49 -8.70
C ASP A 410 -0.59 -2.90 -9.44
N SER A 411 -1.32 -3.89 -8.91
N SER A 411 -1.29 -3.89 -8.94
CA SER A 411 -2.39 -4.57 -9.64
CA SER A 411 -2.47 -4.47 -9.61
C SER A 411 -3.41 -3.59 -10.20
C SER A 411 -3.33 -3.44 -10.32
N SER A 412 -3.62 -3.70 -11.53
N SER A 412 -3.62 -3.72 -11.61
CA SER A 412 -4.46 -2.77 -12.26
CA SER A 412 -4.49 -2.82 -12.37
C SER A 412 -5.96 -2.99 -12.05
C SER A 412 -5.96 -3.01 -12.07
N ILE A 413 -6.32 -4.18 -11.56
CA ILE A 413 -7.71 -4.54 -11.34
C ILE A 413 -7.85 -5.23 -9.98
N GLU A 414 -8.92 -4.93 -9.25
CA GLU A 414 -9.34 -5.74 -8.11
C GLU A 414 -10.86 -5.99 -8.18
N GLY A 415 -11.41 -5.68 -9.34
CA GLY A 415 -12.85 -5.75 -9.64
C GLY A 415 -13.07 -5.16 -11.01
N ASN A 416 -14.34 -5.06 -11.41
CA ASN A 416 -14.71 -4.61 -12.76
C ASN A 416 -15.84 -3.58 -12.72
N TYR A 417 -15.96 -2.85 -11.63
CA TYR A 417 -17.09 -1.94 -11.39
C TYR A 417 -16.74 -0.52 -11.77
N THR A 418 -15.73 0.07 -11.12
CA THR A 418 -15.37 1.43 -11.46
C THR A 418 -13.91 1.77 -11.11
N LEU A 419 -13.52 2.99 -11.37
CA LEU A 419 -12.15 3.46 -11.04
C LEU A 419 -12.02 3.73 -9.54
N ARG A 420 -10.79 3.51 -9.05
CA ARG A 420 -10.37 3.87 -7.67
C ARG A 420 -9.10 4.68 -7.82
N VAL A 421 -9.08 5.86 -7.21
CA VAL A 421 -7.88 6.72 -7.22
C VAL A 421 -7.57 7.15 -5.79
N ASP A 422 -6.33 6.99 -5.36
CA ASP A 422 -5.82 7.59 -4.13
C ASP A 422 -4.63 8.46 -4.52
N CYS A 423 -4.57 9.69 -4.03
CA CYS A 423 -3.45 10.52 -4.39
C CYS A 423 -3.35 11.74 -3.54
N THR A 424 -2.24 12.46 -3.66
CA THR A 424 -2.09 13.77 -3.05
C THR A 424 -3.15 14.75 -3.62
N PRO A 425 -3.63 15.70 -2.81
CA PRO A 425 -4.51 16.74 -3.32
C PRO A 425 -3.91 17.49 -4.50
N LEU A 426 -2.58 17.56 -4.60
CA LEU A 426 -1.94 18.26 -5.71
C LEU A 426 -2.29 17.68 -7.09
N MET A 427 -2.71 16.43 -7.13
CA MET A 427 -3.12 15.78 -8.39
C MET A 427 -4.59 15.67 -8.64
N TYR A 428 -5.45 16.20 -7.77
CA TYR A 428 -6.90 16.05 -7.98
C TYR A 428 -7.36 16.64 -9.30
N SER A 429 -6.89 17.85 -9.59
CA SER A 429 -7.31 18.56 -10.84
C SER A 429 -6.82 17.81 -12.08
N LEU A 430 -5.59 17.34 -12.06
CA LEU A 430 -5.03 16.52 -13.11
C LEU A 430 -5.89 15.30 -13.37
N VAL A 431 -6.27 14.61 -12.32
CA VAL A 431 -7.07 13.40 -12.45
C VAL A 431 -8.46 13.71 -13.00
N HIS A 432 -9.10 14.73 -12.46
CA HIS A 432 -10.44 15.12 -12.99
C HIS A 432 -10.32 15.42 -14.48
N ASN A 433 -9.34 16.23 -14.85
CA ASN A 433 -9.21 16.67 -16.26
C ASN A 433 -8.87 15.51 -17.19
N LEU A 434 -7.99 14.63 -16.78
CA LEU A 434 -7.61 13.52 -17.63
C LEU A 434 -8.76 12.56 -17.84
N THR A 435 -9.48 12.21 -16.77
CA THR A 435 -10.57 11.24 -16.87
C THR A 435 -11.74 11.80 -17.70
N LYS A 436 -11.87 13.11 -17.77
CA LYS A 436 -12.87 13.72 -18.70
C LYS A 436 -12.54 13.50 -20.16
N GLU A 437 -11.30 13.22 -20.49
CA GLU A 437 -10.83 13.02 -21.87
C GLU A 437 -10.70 11.56 -22.24
N LEU A 438 -10.92 10.63 -21.31
CA LEU A 438 -10.82 9.22 -21.56
C LEU A 438 -12.22 8.61 -21.71
N LYS A 439 -12.31 7.59 -22.51
CA LYS A 439 -13.58 6.87 -22.72
C LYS A 439 -13.89 5.92 -21.59
N SER A 440 -15.14 5.85 -21.13
CA SER A 440 -15.52 4.86 -20.15
C SER A 440 -15.54 3.46 -20.78
N PRO A 441 -15.00 2.44 -20.10
CA PRO A 441 -15.10 1.07 -20.61
C PRO A 441 -16.35 0.36 -20.11
N ASP A 442 -17.20 1.05 -19.35
CA ASP A 442 -18.24 0.39 -18.59
C ASP A 442 -19.45 0.18 -19.51
N GLU A 443 -20.11 -0.94 -19.26
CA GLU A 443 -21.39 -1.26 -19.90
C GLU A 443 -22.39 -0.22 -19.45
N GLY A 444 -23.13 0.35 -20.40
CA GLY A 444 -24.10 1.39 -20.11
C GLY A 444 -23.57 2.80 -20.26
N PHE A 445 -22.25 2.93 -20.43
CA PHE A 445 -21.61 4.25 -20.57
C PHE A 445 -20.84 4.35 -21.87
N GLU A 446 -21.30 3.62 -22.89
CA GLU A 446 -20.69 3.66 -24.21
C GLU A 446 -20.83 5.08 -24.72
N GLY A 447 -19.73 5.66 -25.16
CA GLY A 447 -19.71 7.03 -25.64
C GLY A 447 -19.61 8.12 -24.57
N LYS A 448 -19.52 7.73 -23.30
CA LYS A 448 -19.40 8.66 -22.21
C LYS A 448 -17.97 8.62 -21.69
N SER A 449 -17.63 9.66 -20.98
CA SER A 449 -16.28 9.76 -20.39
C SER A 449 -16.14 8.84 -19.17
N LEU A 450 -14.89 8.49 -18.89
CA LEU A 450 -14.54 7.81 -17.66
C LEU A 450 -14.91 8.66 -16.44
N TYR A 451 -14.69 9.96 -16.51
CA TYR A 451 -15.15 10.87 -15.46
C TYR A 451 -16.63 10.68 -15.12
N GLU A 452 -17.47 10.60 -16.15
CA GLU A 452 -18.91 10.47 -15.95
C GLU A 452 -19.29 9.14 -15.27
N SER A 453 -18.72 8.03 -15.75
CA SER A 453 -19.03 6.71 -15.18
C SER A 453 -18.51 6.59 -13.75
N TRP A 454 -17.29 7.05 -13.55
CA TRP A 454 -16.66 7.03 -12.24
C TRP A 454 -17.44 7.88 -11.22
N THR A 455 -17.80 9.08 -11.61
CA THR A 455 -18.55 9.99 -10.75
C THR A 455 -19.94 9.42 -10.39
N LYS A 456 -20.60 8.79 -11.38
CA LYS A 456 -21.89 8.15 -11.15
C LYS A 456 -21.81 6.98 -10.17
N LYS A 457 -20.83 6.12 -10.36
CA LYS A 457 -20.63 4.91 -9.55
C LYS A 457 -19.95 5.11 -8.20
N SER A 458 -19.14 6.17 -8.11
CA SER A 458 -18.34 6.45 -6.89
C SER A 458 -18.37 7.95 -6.58
N PRO A 459 -19.56 8.46 -6.18
CA PRO A 459 -19.71 9.87 -5.91
C PRO A 459 -18.85 10.31 -4.73
N SER A 460 -18.28 11.50 -4.82
CA SER A 460 -17.63 12.14 -3.67
C SER A 460 -18.62 12.29 -2.51
N PRO A 461 -18.18 11.97 -1.28
CA PRO A 461 -19.08 12.24 -0.14
C PRO A 461 -19.23 13.74 0.18
N GLU A 462 -18.30 14.60 -0.27
CA GLU A 462 -18.35 16.05 -0.03
C GLU A 462 -19.09 16.84 -1.11
N PHE A 463 -18.83 16.55 -2.38
CA PHE A 463 -19.18 17.46 -3.49
C PHE A 463 -20.00 16.77 -4.57
N SER A 464 -21.17 17.34 -4.86
CA SER A 464 -22.04 16.81 -5.91
C SER A 464 -21.32 16.96 -7.24
N GLY A 465 -21.42 15.94 -8.08
CA GLY A 465 -20.89 16.01 -9.44
C GLY A 465 -19.41 15.75 -9.55
N MET A 466 -18.78 15.35 -8.43
CA MET A 466 -17.38 14.93 -8.42
C MET A 466 -17.24 13.50 -7.97
N PRO A 467 -16.17 12.81 -8.41
CA PRO A 467 -15.91 11.45 -7.96
C PRO A 467 -15.13 11.39 -6.65
N ARG A 468 -15.18 10.24 -5.99
CA ARG A 468 -14.40 10.02 -4.77
C ARG A 468 -12.91 9.82 -5.08
N ILE A 469 -12.04 10.61 -4.43
CA ILE A 469 -10.61 10.34 -4.45
C ILE A 469 -10.18 10.26 -3.00
N SER A 470 -9.46 9.20 -2.64
CA SER A 470 -9.06 8.95 -1.26
C SER A 470 -7.64 9.40 -1.01
N LYS A 471 -7.32 9.62 0.25
N LYS A 471 -7.35 9.51 0.28
CA LYS A 471 -5.93 9.88 0.62
CA LYS A 471 -5.99 9.71 0.79
C LYS A 471 -5.15 8.57 0.51
C LYS A 471 -5.16 8.51 0.43
N LEU A 472 -3.86 8.72 0.27
CA LEU A 472 -2.92 7.59 0.23
C LEU A 472 -2.77 7.02 1.60
N GLY A 473 -2.85 5.70 1.67
CA GLY A 473 -2.47 4.97 2.86
C GLY A 473 -1.07 4.46 2.69
N SER A 474 -0.86 3.19 2.96
CA SER A 474 0.43 2.55 2.68
C SER A 474 0.24 1.10 2.32
N GLY A 475 1.28 0.26 2.47
CA GLY A 475 1.25 -1.08 1.98
C GLY A 475 1.53 -1.17 0.48
N ASN A 476 2.15 -0.14 -0.11
CA ASN A 476 2.61 -0.22 -1.49
C ASN A 476 3.80 0.66 -1.71
N ASP A 477 4.40 0.58 -2.90
CA ASP A 477 5.78 1.07 -3.12
C ASP A 477 5.89 2.58 -3.21
N PHE A 478 4.78 3.31 -3.24
CA PHE A 478 4.84 4.76 -3.07
C PHE A 478 5.27 5.23 -1.68
N GLU A 479 5.26 4.36 -0.68
CA GLU A 479 5.45 4.81 0.72
C GLU A 479 6.73 5.62 0.90
N VAL A 480 7.86 5.10 0.42
CA VAL A 480 9.12 5.84 0.61
C VAL A 480 9.07 7.19 -0.07
N PHE A 481 8.47 7.23 -1.27
CA PHE A 481 8.46 8.46 -2.03
C PHE A 481 7.56 9.51 -1.43
N PHE A 482 6.42 9.09 -0.89
CA PHE A 482 5.45 10.07 -0.39
C PHE A 482 5.69 10.37 1.10
N GLN A 483 5.57 9.36 1.94
CA GLN A 483 5.63 9.61 3.39
C GLN A 483 7.06 9.84 3.93
N ARG A 484 8.11 9.29 3.30
CA ARG A 484 9.48 9.62 3.73
C ARG A 484 10.01 10.82 3.01
N LEU A 485 9.97 10.86 1.68
CA LEU A 485 10.64 11.90 0.91
C LEU A 485 9.77 13.10 0.50
N GLY A 486 8.46 13.00 0.57
CA GLY A 486 7.62 14.14 0.22
C GLY A 486 7.53 14.45 -1.25
N ILE A 487 7.43 13.40 -2.04
CA ILE A 487 7.27 13.53 -3.51
C ILE A 487 5.78 13.25 -3.78
N ALA A 488 5.14 14.18 -4.49
CA ALA A 488 3.72 14.06 -4.89
C ALA A 488 3.51 12.69 -5.50
N SER A 489 2.55 11.91 -4.96
CA SER A 489 2.35 10.53 -5.42
C SER A 489 0.87 10.26 -5.69
N GLY A 490 0.64 9.25 -6.53
CA GLY A 490 -0.71 8.77 -6.81
C GLY A 490 -0.78 7.34 -7.28
N ARG A 491 -1.99 6.78 -7.24
CA ARG A 491 -2.27 5.43 -7.71
C ARG A 491 -3.69 5.37 -8.26
N ALA A 492 -3.91 4.43 -9.18
CA ALA A 492 -5.23 4.22 -9.78
C ALA A 492 -5.39 2.77 -10.21
N ARG A 493 -6.59 2.23 -9.99
CA ARG A 493 -6.93 0.89 -10.47
C ARG A 493 -8.41 0.75 -10.64
N TYR A 494 -8.79 -0.31 -11.34
CA TYR A 494 -10.20 -0.67 -11.38
C TYR A 494 -10.58 -1.50 -10.17
N THR A 495 -11.75 -1.22 -9.60
CA THR A 495 -12.14 -1.82 -8.33
C THR A 495 -13.58 -2.37 -8.36
N LYS A 496 -13.96 -2.99 -7.26
CA LYS A 496 -15.30 -3.51 -7.04
C LYS A 496 -16.22 -2.43 -6.46
N ASN A 497 -17.49 -2.77 -6.30
CA ASN A 497 -18.47 -1.90 -5.63
C ASN A 497 -18.29 -2.09 -4.11
N TRP A 498 -18.01 -0.99 -3.41
CA TRP A 498 -17.72 -0.93 -1.94
C TRP A 498 -16.24 -1.15 -1.65
N PHE A 503 -10.37 -2.56 2.55
CA PHE A 503 -8.98 -3.02 2.74
C PHE A 503 -8.83 -4.54 2.71
N SER A 504 -9.95 -5.26 2.92
CA SER A 504 -10.01 -6.73 2.72
C SER A 504 -10.10 -6.96 1.22
N GLY A 505 -8.99 -7.36 0.63
CA GLY A 505 -8.87 -7.55 -0.81
C GLY A 505 -9.88 -8.51 -1.43
N TYR A 506 -9.68 -8.70 -2.74
CA TYR A 506 -10.42 -9.68 -3.59
C TYR A 506 -10.18 -11.09 -3.04
N PRO A 507 -11.09 -12.02 -3.31
CA PRO A 507 -11.02 -13.31 -2.64
C PRO A 507 -9.74 -14.10 -2.81
N LEU A 508 -9.14 -14.06 -4.00
CA LEU A 508 -7.96 -14.90 -4.30
C LEU A 508 -6.62 -14.22 -4.04
N TYR A 509 -6.69 -13.07 -3.40
CA TYR A 509 -5.47 -12.34 -2.97
C TYR A 509 -4.40 -13.20 -2.28
N HIS A 510 -3.19 -13.21 -2.87
CA HIS A 510 -1.99 -13.86 -2.33
C HIS A 510 -2.13 -15.37 -2.19
N SER A 511 -3.03 -15.87 -3.01
CA SER A 511 -3.22 -17.30 -3.11
C SER A 511 -2.64 -17.83 -4.53
N VAL A 512 -2.45 -19.16 -4.46
CA VAL A 512 -1.99 -19.94 -5.62
C VAL A 512 -3.01 -19.79 -6.77
N TYR A 513 -4.26 -19.46 -6.46
CA TYR A 513 -5.33 -19.41 -7.49
C TYR A 513 -5.35 -18.13 -8.29
N GLU A 514 -4.52 -17.14 -7.90
CA GLU A 514 -4.42 -15.87 -8.62
C GLU A 514 -3.57 -16.07 -9.87
N THR A 515 -4.22 -16.45 -10.98
CA THR A 515 -3.56 -16.86 -12.19
C THR A 515 -3.99 -16.02 -13.37
N TYR A 516 -3.29 -16.16 -14.49
CA TYR A 516 -3.73 -15.61 -15.75
C TYR A 516 -5.22 -15.96 -16.05
N GLU A 517 -5.59 -17.20 -15.82
CA GLU A 517 -6.96 -17.63 -16.11
C GLU A 517 -8.01 -16.92 -15.27
N LEU A 518 -7.66 -16.65 -14.01
CA LEU A 518 -8.54 -15.85 -13.19
C LEU A 518 -8.90 -14.56 -13.86
N VAL A 519 -7.89 -13.86 -14.37
CA VAL A 519 -8.08 -12.58 -14.97
C VAL A 519 -8.85 -12.67 -16.31
N GLU A 520 -8.37 -13.54 -17.18
CA GLU A 520 -8.91 -13.69 -18.52
C GLU A 520 -10.35 -14.26 -18.53
N LYS A 521 -10.66 -15.13 -17.59
CA LYS A 521 -12.01 -15.71 -17.54
C LYS A 521 -13.00 -14.86 -16.76
N PHE A 522 -12.58 -14.26 -15.65
CA PHE A 522 -13.51 -13.71 -14.69
C PHE A 522 -13.43 -12.21 -14.46
N TYR A 523 -12.24 -11.60 -14.57
CA TYR A 523 -12.15 -10.18 -14.29
C TYR A 523 -12.25 -9.29 -15.50
N ASP A 524 -11.49 -9.59 -16.56
CA ASP A 524 -11.34 -8.68 -17.68
C ASP A 524 -11.04 -9.38 -18.97
N PRO A 525 -12.01 -10.18 -19.48
CA PRO A 525 -11.72 -10.93 -20.69
C PRO A 525 -11.26 -10.17 -21.93
N MET A 526 -11.74 -8.95 -22.13
N MET A 526 -11.77 -8.95 -22.09
CA MET A 526 -11.34 -8.14 -23.28
CA MET A 526 -11.43 -8.06 -23.21
C MET A 526 -10.12 -7.26 -22.96
C MET A 526 -10.26 -7.12 -22.90
N PHE A 527 -9.71 -7.24 -21.69
CA PHE A 527 -8.61 -6.39 -21.25
C PHE A 527 -8.90 -4.91 -21.41
N LYS A 528 -10.17 -4.57 -21.37
CA LYS A 528 -10.58 -3.20 -21.51
C LYS A 528 -10.36 -2.41 -20.20
N TYR A 529 -10.50 -3.06 -19.05
CA TYR A 529 -10.28 -2.37 -17.77
C TYR A 529 -8.79 -2.14 -17.59
N HIS A 530 -7.98 -3.12 -17.98
CA HIS A 530 -6.52 -2.95 -18.02
C HIS A 530 -6.12 -1.78 -18.91
N LEU A 531 -6.72 -1.68 -20.12
CA LEU A 531 -6.41 -0.60 -21.00
C LEU A 531 -6.80 0.75 -20.42
N THR A 532 -7.96 0.84 -19.77
CA THR A 532 -8.41 2.08 -19.14
C THR A 532 -7.41 2.52 -18.06
N VAL A 533 -6.99 1.54 -17.28
CA VAL A 533 -5.98 1.84 -16.20
C VAL A 533 -4.64 2.26 -16.80
N ALA A 534 -4.20 1.63 -17.90
CA ALA A 534 -3.02 2.07 -18.63
C ALA A 534 -3.12 3.52 -19.10
N GLN A 535 -4.30 3.90 -19.61
CA GLN A 535 -4.56 5.27 -20.02
C GLN A 535 -4.51 6.28 -18.87
N VAL A 536 -5.09 5.90 -17.73
CA VAL A 536 -5.05 6.77 -16.52
C VAL A 536 -3.60 6.91 -16.03
N ARG A 537 -2.93 5.78 -15.78
CA ARG A 537 -1.55 5.86 -15.24
C ARG A 537 -0.60 6.51 -16.24
N GLY A 538 -0.64 6.06 -17.49
CA GLY A 538 0.18 6.62 -18.52
C GLY A 538 -0.12 8.07 -18.85
N GLY A 539 -1.39 8.43 -18.86
CA GLY A 539 -1.80 9.80 -19.08
C GLY A 539 -1.32 10.73 -18.00
N MET A 540 -1.40 10.26 -16.75
CA MET A 540 -0.83 11.06 -15.63
C MET A 540 0.65 11.29 -15.80
N VAL A 541 1.39 10.23 -16.12
CA VAL A 541 2.81 10.37 -16.37
C VAL A 541 3.10 11.33 -17.52
N PHE A 542 2.36 11.18 -18.62
CA PHE A 542 2.54 12.05 -19.75
C PHE A 542 2.38 13.50 -19.38
N GLU A 543 1.30 13.86 -18.71
N GLU A 543 1.30 13.85 -18.69
CA GLU A 543 1.05 15.26 -18.32
CA GLU A 543 1.01 15.23 -18.33
C GLU A 543 2.15 15.75 -17.38
C GLU A 543 2.01 15.80 -17.30
N LEU A 544 2.46 14.95 -16.37
CA LEU A 544 3.47 15.36 -15.41
C LEU A 544 4.82 15.60 -16.06
N ALA A 545 5.18 14.78 -17.04
CA ALA A 545 6.45 14.88 -17.74
C ALA A 545 6.49 15.88 -18.90
N ASN A 546 5.33 16.31 -19.36
CA ASN A 546 5.27 17.19 -20.57
C ASN A 546 4.65 18.51 -20.42
N SER A 547 3.76 18.70 -19.46
CA SER A 547 3.13 20.01 -19.29
C SER A 547 4.15 21.07 -18.97
N ILE A 548 4.00 22.24 -19.57
CA ILE A 548 4.99 23.29 -19.36
C ILE A 548 4.99 23.73 -17.90
N VAL A 549 3.80 24.04 -17.40
CA VAL A 549 3.61 24.31 -15.96
C VAL A 549 3.21 22.96 -15.36
N LEU A 550 3.82 22.59 -14.23
CA LEU A 550 3.46 21.32 -13.61
C LEU A 550 1.97 21.29 -13.29
N PRO A 551 1.31 20.12 -13.48
CA PRO A 551 -0.14 20.07 -13.37
C PRO A 551 -0.61 19.79 -11.91
N PHE A 552 -0.16 20.63 -10.99
CA PHE A 552 -0.57 20.59 -9.61
C PHE A 552 -1.38 21.84 -9.27
N ASP A 553 -2.42 21.68 -8.47
CA ASP A 553 -3.20 22.83 -8.01
C ASP A 553 -3.10 22.91 -6.47
N CYS A 554 -2.29 23.86 -6.00
CA CYS A 554 -2.10 24.05 -4.55
C CYS A 554 -3.37 24.41 -3.84
N ARG A 555 -4.37 24.98 -4.51
CA ARG A 555 -5.61 25.35 -3.84
C ARG A 555 -6.37 24.10 -3.33
N ASP A 556 -6.18 22.97 -4.00
CA ASP A 556 -6.83 21.74 -3.57
C ASP A 556 -6.25 21.24 -2.23
N TYR A 557 -4.98 21.53 -1.99
CA TYR A 557 -4.42 21.20 -0.66
C TYR A 557 -5.07 22.06 0.39
N ALA A 558 -5.32 23.34 0.08
CA ALA A 558 -5.95 24.24 1.04
C ALA A 558 -7.32 23.73 1.51
N VAL A 559 -8.11 23.23 0.55
CA VAL A 559 -9.42 22.73 0.88
C VAL A 559 -9.35 21.50 1.80
N VAL A 560 -8.46 20.56 1.50
CA VAL A 560 -8.40 19.34 2.34
C VAL A 560 -7.82 19.66 3.72
N LEU A 561 -6.89 20.59 3.79
CA LEU A 561 -6.29 20.91 5.10
C LEU A 561 -7.34 21.44 6.06
N ARG A 562 -8.30 22.22 5.54
CA ARG A 562 -9.42 22.66 6.39
C ARG A 562 -10.31 21.52 6.83
N LYS A 563 -10.61 20.60 5.93
CA LYS A 563 -11.37 19.42 6.28
C LYS A 563 -10.66 18.61 7.39
N TYR A 564 -9.36 18.42 7.21
CA TYR A 564 -8.61 17.64 8.20
C TYR A 564 -8.49 18.37 9.54
N ALA A 565 -8.33 19.67 9.49
CA ALA A 565 -8.33 20.47 10.73
C ALA A 565 -9.66 20.39 11.46
N ASP A 566 -10.77 20.52 10.73
CA ASP A 566 -12.10 20.33 11.34
C ASP A 566 -12.24 18.95 11.99
N LYS A 567 -11.75 17.91 11.29
N LYS A 567 -11.73 17.92 11.30
CA LYS A 567 -11.84 16.55 11.76
CA LYS A 567 -11.85 16.56 11.77
C LYS A 567 -11.11 16.36 13.09
C LYS A 567 -11.08 16.30 13.06
N ILE A 568 -9.85 16.79 13.14
CA ILE A 568 -9.03 16.57 14.34
C ILE A 568 -9.53 17.41 15.52
N TYR A 569 -9.98 18.64 15.23
CA TYR A 569 -10.64 19.45 16.26
C TYR A 569 -11.85 18.73 16.83
N SER A 570 -12.66 18.12 15.96
CA SER A 570 -13.84 17.41 16.41
C SER A 570 -13.53 16.25 17.33
N ILE A 571 -12.45 15.52 17.04
CA ILE A 571 -12.01 14.46 17.92
C ILE A 571 -11.64 15.00 19.32
N SER A 572 -10.88 16.07 19.35
CA SER A 572 -10.43 16.66 20.61
C SER A 572 -11.63 17.15 21.43
N MET A 573 -12.63 17.69 20.75
CA MET A 573 -13.80 18.30 21.42
C MET A 573 -14.76 17.29 22.04
N LYS A 574 -14.47 16.00 21.90
CA LYS A 574 -15.08 14.97 22.74
C LYS A 574 -14.59 15.05 24.20
N HIS A 575 -13.58 15.89 24.48
CA HIS A 575 -12.93 16.01 25.81
C HIS A 575 -12.94 17.47 26.25
N PRO A 576 -14.15 18.10 26.34
CA PRO A 576 -14.16 19.53 26.61
C PRO A 576 -13.54 19.93 27.93
N GLN A 577 -13.77 19.14 28.98
CA GLN A 577 -13.19 19.47 30.28
C GLN A 577 -11.67 19.50 30.24
N GLU A 578 -11.08 18.50 29.58
CA GLU A 578 -9.62 18.49 29.48
C GLU A 578 -9.05 19.62 28.64
N MET A 579 -9.76 19.99 27.57
CA MET A 579 -9.32 21.10 26.76
C MET A 579 -9.33 22.41 27.57
N LYS A 580 -10.32 22.55 28.47
CA LYS A 580 -10.34 23.69 29.38
C LYS A 580 -9.19 23.68 30.40
N THR A 581 -9.04 22.54 31.09
CA THR A 581 -8.00 22.36 32.11
C THR A 581 -6.60 22.60 31.61
N TYR A 582 -6.29 22.02 30.45
CA TYR A 582 -4.95 22.13 29.89
C TYR A 582 -4.78 23.18 28.79
N SER A 583 -5.79 24.03 28.59
N SER A 583 -5.79 24.02 28.56
CA SER A 583 -5.73 25.15 27.64
CA SER A 583 -5.66 25.17 27.65
C SER A 583 -5.30 24.67 26.26
C SER A 583 -5.36 24.74 26.21
N VAL A 584 -6.05 23.70 25.75
CA VAL A 584 -5.75 23.06 24.45
C VAL A 584 -6.52 23.83 23.39
N SER A 585 -5.78 24.60 22.60
CA SER A 585 -6.35 25.39 21.50
C SER A 585 -5.87 24.94 20.14
N PHE A 586 -6.80 24.85 19.20
CA PHE A 586 -6.49 24.61 17.79
C PHE A 586 -6.39 25.91 17.00
N ASP A 587 -6.47 27.07 17.66
CA ASP A 587 -6.45 28.33 16.94
C ASP A 587 -5.24 28.50 15.98
N SER A 588 -4.04 28.08 16.41
CA SER A 588 -2.87 28.19 15.57
C SER A 588 -2.98 27.35 14.30
N LEU A 589 -3.56 26.17 14.41
CA LEU A 589 -3.72 25.30 13.23
C LEU A 589 -4.73 25.89 12.24
N PHE A 590 -5.87 26.37 12.73
CA PHE A 590 -6.78 27.04 11.83
C PHE A 590 -6.21 28.28 11.21
N SER A 591 -5.44 29.06 11.97
CA SER A 591 -4.77 30.22 11.44
C SER A 591 -3.82 29.86 10.28
N ALA A 592 -3.01 28.82 10.49
CA ALA A 592 -2.11 28.38 9.46
C ALA A 592 -2.85 27.92 8.19
N VAL A 593 -3.96 27.22 8.38
CA VAL A 593 -4.75 26.73 7.26
C VAL A 593 -5.37 27.92 6.51
N LYS A 594 -5.89 28.89 7.27
CA LYS A 594 -6.37 30.14 6.64
C LYS A 594 -5.28 30.83 5.83
N ASN A 595 -4.08 30.95 6.38
CA ASN A 595 -2.99 31.55 5.70
C ASN A 595 -2.58 30.78 4.46
N PHE A 596 -2.57 29.45 4.55
CA PHE A 596 -2.26 28.63 3.40
C PHE A 596 -3.26 28.88 2.27
N THR A 597 -4.52 28.98 2.66
CA THR A 597 -5.62 29.19 1.67
C THR A 597 -5.41 30.50 0.94
N GLU A 598 -5.08 31.56 1.70
CA GLU A 598 -4.85 32.89 1.13
C GLU A 598 -3.63 32.93 0.23
N ILE A 599 -2.50 32.37 0.69
CA ILE A 599 -1.30 32.43 -0.07
C ILE A 599 -1.39 31.55 -1.34
N ALA A 600 -2.01 30.38 -1.23
CA ALA A 600 -2.21 29.52 -2.39
C ALA A 600 -3.05 30.24 -3.48
N SER A 601 -4.09 30.95 -3.04
CA SER A 601 -4.96 31.71 -3.99
C SER A 601 -4.12 32.74 -4.72
N LYS A 602 -3.29 33.47 -4.00
CA LYS A 602 -2.42 34.47 -4.62
C LYS A 602 -1.36 33.84 -5.55
N PHE A 603 -0.77 32.71 -5.13
CA PHE A 603 0.17 32.01 -6.00
C PHE A 603 -0.50 31.57 -7.32
N SER A 604 -1.70 31.05 -7.21
CA SER A 604 -2.46 30.61 -8.36
C SER A 604 -2.70 31.73 -9.36
N GLU A 605 -3.03 32.90 -8.82
CA GLU A 605 -3.18 34.12 -9.69
C GLU A 605 -1.88 34.41 -10.42
N ARG A 606 -0.73 34.38 -9.71
CA ARG A 606 0.53 34.64 -10.38
C ARG A 606 0.87 33.60 -11.40
N LEU A 607 0.51 32.34 -11.12
CA LEU A 607 0.82 31.25 -12.01
C LEU A 607 0.08 31.39 -13.33
N GLN A 608 -1.12 31.92 -13.23
CA GLN A 608 -1.92 32.13 -14.43
C GLN A 608 -1.51 33.40 -15.14
N ASP A 609 -1.10 34.45 -14.39
CA ASP A 609 -0.74 35.78 -14.90
C ASP A 609 0.74 36.04 -15.18
N PHE A 610 1.63 35.13 -14.83
CA PHE A 610 3.07 35.46 -14.96
C PHE A 610 3.44 35.53 -16.39
N ASP A 611 4.53 36.25 -16.64
CA ASP A 611 5.04 36.40 -18.00
C ASP A 611 5.43 35.03 -18.55
N LYS A 612 4.69 34.56 -19.54
CA LYS A 612 4.84 33.21 -20.10
C LYS A 612 6.08 32.96 -20.96
N SER A 613 6.67 34.08 -21.44
N SER A 613 6.85 33.89 -21.57
CA SER A 613 7.94 34.08 -22.12
CA SER A 613 8.18 33.31 -22.10
C SER A 613 9.16 33.85 -21.20
C SER A 613 9.47 33.61 -21.31
N ASN A 614 9.01 33.97 -19.87
N ASN A 614 10.06 32.59 -20.72
CA ASN A 614 10.16 33.95 -18.94
CA ASN A 614 11.25 32.91 -19.94
C ASN A 614 10.33 32.59 -18.28
C ASN A 614 11.75 31.71 -19.18
N PRO A 615 11.36 31.86 -18.70
N PRO A 615 12.84 31.06 -19.65
CA PRO A 615 11.48 30.47 -18.30
CA PRO A 615 13.24 29.82 -18.98
C PRO A 615 11.98 30.37 -16.86
C PRO A 615 13.47 29.88 -17.46
N ILE A 616 12.62 31.42 -16.34
N ILE A 616 14.10 30.92 -16.93
CA ILE A 616 13.09 31.40 -14.95
CA ILE A 616 14.42 30.87 -15.52
C ILE A 616 11.92 31.64 -14.02
C ILE A 616 13.19 31.25 -14.69
N VAL A 617 11.02 32.57 -14.35
N VAL A 617 12.35 32.14 -15.21
CA VAL A 617 9.81 32.73 -13.54
CA VAL A 617 11.10 32.42 -14.49
C VAL A 617 9.00 31.42 -13.59
C VAL A 617 10.22 31.16 -14.44
N LEU A 618 8.88 30.84 -14.78
N LEU A 618 10.14 30.41 -15.53
CA LEU A 618 8.22 29.54 -14.91
CA LEU A 618 9.36 29.17 -15.55
C LEU A 618 8.86 28.47 -14.00
C LEU A 618 9.97 28.14 -14.60
N ARG A 619 10.18 28.33 -14.06
N ARG A 619 11.29 28.06 -14.58
CA ARG A 619 10.87 27.28 -13.29
CA ARG A 619 11.94 27.13 -13.68
C ARG A 619 10.73 27.60 -11.82
C ARG A 619 11.65 27.47 -12.22
N MET A 620 10.81 28.86 -11.42
N MET A 620 11.67 28.74 -11.86
CA MET A 620 10.60 29.24 -10.01
CA MET A 620 11.34 29.17 -10.51
C MET A 620 9.25 28.77 -9.55
C MET A 620 9.92 28.77 -10.05
N MET A 621 8.28 29.05 -10.40
N MET A 621 8.82 28.97 -10.82
CA MET A 621 6.95 28.57 -10.23
CA MET A 621 7.46 28.66 -10.27
C MET A 621 6.93 27.04 -10.22
C MET A 621 7.12 27.14 -10.20
N ASN A 622 7.62 26.40 -11.18
CA ASN A 622 7.61 24.93 -11.22
C ASN A 622 8.32 24.38 -9.98
N ASP A 623 9.40 25.01 -9.56
CA ASP A 623 10.08 24.56 -8.31
C ASP A 623 9.19 24.77 -7.10
N GLN A 624 8.47 25.90 -7.01
CA GLN A 624 7.51 26.12 -5.94
C GLN A 624 6.46 25.02 -5.94
N LEU A 625 5.95 24.63 -7.10
CA LEU A 625 5.02 23.54 -7.18
C LEU A 625 5.60 22.18 -6.77
N MET A 626 6.81 21.90 -7.23
CA MET A 626 7.44 20.61 -6.95
C MET A 626 7.75 20.51 -5.47
N PHE A 627 8.25 21.60 -4.90
CA PHE A 627 8.68 21.57 -3.47
C PHE A 627 7.54 21.76 -2.48
N LEU A 628 6.29 21.95 -2.92
CA LEU A 628 5.19 22.13 -2.00
C LEU A 628 4.91 20.83 -1.23
N GLU A 629 4.82 19.68 -1.90
CA GLU A 629 4.66 18.41 -1.18
C GLU A 629 5.88 18.25 -0.23
N ARG A 630 7.05 18.62 -0.69
CA ARG A 630 8.28 18.48 0.09
C ARG A 630 8.23 19.27 1.40
N ALA A 631 7.48 20.36 1.39
CA ALA A 631 7.43 21.24 2.57
C ALA A 631 6.68 20.62 3.70
N PHE A 632 5.86 19.59 3.47
CA PHE A 632 5.18 18.94 4.57
C PHE A 632 6.03 17.93 5.31
N ILE A 633 7.22 17.71 4.86
CA ILE A 633 8.17 16.81 5.52
C ILE A 633 8.79 17.46 6.75
N ASP A 634 8.78 16.74 7.88
CA ASP A 634 9.52 17.13 9.11
C ASP A 634 10.72 16.21 9.21
N PRO A 635 11.94 16.79 9.19
CA PRO A 635 13.10 15.92 9.21
C PRO A 635 13.22 15.09 10.51
N LEU A 636 12.52 15.50 11.55
CA LEU A 636 12.56 14.70 12.79
C LEU A 636 11.63 13.51 12.82
N GLY A 637 10.72 13.41 11.84
CA GLY A 637 9.78 12.33 11.75
C GLY A 637 8.65 12.44 12.77
N LEU A 638 7.75 11.49 12.72
CA LEU A 638 6.70 11.40 13.70
C LEU A 638 7.17 10.60 14.90
N PRO A 639 6.48 10.75 16.06
CA PRO A 639 6.99 10.05 17.25
C PRO A 639 7.19 8.54 17.11
N ASP A 640 8.44 8.07 17.37
CA ASP A 640 8.82 6.67 17.28
C ASP A 640 8.70 6.06 15.89
N ARG A 641 8.48 6.92 14.89
CA ARG A 641 8.37 6.47 13.49
C ARG A 641 9.16 7.43 12.62
N PRO A 642 10.50 7.33 12.67
CA PRO A 642 11.36 8.28 12.02
C PRO A 642 11.27 8.34 10.51
N PHE A 643 10.74 7.29 9.88
CA PHE A 643 10.63 7.26 8.43
C PHE A 643 9.26 7.66 7.92
N TYR A 644 8.36 8.03 8.81
CA TYR A 644 7.12 8.67 8.43
C TYR A 644 7.31 10.11 8.77
N ARG A 645 7.62 10.91 7.76
CA ARG A 645 8.04 12.29 7.97
C ARG A 645 7.03 13.34 7.52
N HIS A 646 6.00 12.91 6.77
CA HIS A 646 4.98 13.81 6.26
C HIS A 646 4.04 14.13 7.44
N VAL A 647 3.82 15.42 7.69
CA VAL A 647 3.03 15.87 8.84
C VAL A 647 1.52 15.81 8.57
N ILE A 648 1.12 15.82 7.30
CA ILE A 648 -0.31 15.77 6.96
C ILE A 648 -0.82 14.34 6.90
N TYR A 649 0.00 13.43 6.34
CA TYR A 649 -0.40 12.07 6.02
C TYR A 649 0.62 11.06 6.54
N ALA A 650 0.12 10.07 7.30
CA ALA A 650 0.91 8.88 7.62
C ALA A 650 0.01 7.67 7.54
N PRO A 651 0.58 6.48 7.38
CA PRO A 651 -0.23 5.30 7.54
C PRO A 651 -0.78 5.23 8.94
N SER A 652 -2.01 4.78 9.06
CA SER A 652 -2.59 4.61 10.40
C SER A 652 -1.75 3.71 11.27
N SER A 653 -1.57 4.09 12.53
CA SER A 653 -0.84 3.28 13.49
C SER A 653 -1.60 1.96 13.82
N HIS A 654 -2.86 1.90 13.44
CA HIS A 654 -3.73 0.71 13.65
C HIS A 654 -3.96 -0.10 12.42
N ASN A 655 -3.53 0.42 11.27
CA ASN A 655 -3.80 -0.25 9.98
C ASN A 655 -2.96 0.39 8.89
N LYS A 656 -1.83 -0.23 8.57
CA LYS A 656 -0.90 0.33 7.58
C LYS A 656 -1.55 0.65 6.24
N TYR A 657 -2.61 -0.06 5.87
CA TYR A 657 -3.24 0.23 4.58
C TYR A 657 -3.97 1.54 4.54
N ALA A 658 -4.46 2.03 5.68
CA ALA A 658 -5.27 3.21 5.73
C ALA A 658 -4.46 4.47 5.96
N GLY A 659 -4.79 5.55 5.29
CA GLY A 659 -4.13 6.80 5.58
C GLY A 659 -4.80 7.48 6.76
N GLU A 660 -4.00 8.23 7.54
CA GLU A 660 -4.51 9.06 8.62
C GLU A 660 -4.03 10.50 8.36
N SER A 661 -4.93 11.47 8.56
CA SER A 661 -4.58 12.86 8.46
C SER A 661 -4.19 13.47 9.81
N PHE A 662 -3.30 14.47 9.78
CA PHE A 662 -2.68 15.02 11.02
C PHE A 662 -2.36 13.89 11.98
N PRO A 663 -1.56 12.92 11.54
CA PRO A 663 -1.32 11.71 12.30
C PRO A 663 -0.69 11.93 13.68
N GLY A 664 0.15 12.96 13.78
CA GLY A 664 0.80 13.21 15.07
C GLY A 664 -0.22 13.61 16.10
N ILE A 665 -1.14 14.47 15.68
CA ILE A 665 -2.21 14.89 16.63
C ILE A 665 -3.17 13.72 16.85
N TYR A 666 -3.54 13.01 15.79
CA TYR A 666 -4.44 11.89 15.94
C TYR A 666 -3.94 10.86 16.97
N ASP A 667 -2.68 10.44 16.81
CA ASP A 667 -2.17 9.44 17.73
C ASP A 667 -2.04 10.00 19.15
N ALA A 668 -1.73 11.29 19.31
CA ALA A 668 -1.71 11.89 20.66
C ALA A 668 -3.09 11.86 21.32
N LEU A 669 -4.15 11.98 20.55
CA LEU A 669 -5.52 11.95 21.08
C LEU A 669 -6.08 10.55 21.25
N PHE A 670 -5.53 9.56 20.55
CA PHE A 670 -6.15 8.26 20.53
C PHE A 670 -6.15 7.62 21.91
N ASP A 671 -7.34 7.18 22.35
CA ASP A 671 -7.51 6.51 23.65
C ASP A 671 -6.95 7.34 24.82
N ILE A 672 -6.99 8.68 24.69
CA ILE A 672 -6.34 9.54 25.67
C ILE A 672 -6.97 9.45 27.06
N GLU A 673 -8.26 9.18 27.09
CA GLU A 673 -9.01 8.99 28.35
C GLU A 673 -8.50 7.84 29.20
N SER A 674 -7.72 6.93 28.61
CA SER A 674 -7.10 5.81 29.30
C SER A 674 -5.69 6.10 29.81
N LYS A 675 -5.07 7.24 29.49
CA LYS A 675 -3.67 7.48 29.90
C LYS A 675 -3.64 7.83 31.39
N VAL A 676 -2.61 7.38 32.10
CA VAL A 676 -2.58 7.58 33.56
C VAL A 676 -2.20 9.01 33.97
N ASP A 677 -1.42 9.69 33.11
CA ASP A 677 -0.99 11.06 33.37
C ASP A 677 -1.62 12.01 32.34
N PRO A 678 -2.82 12.54 32.63
CA PRO A 678 -3.49 13.38 31.64
C PRO A 678 -2.74 14.67 31.28
N SER A 679 -2.03 15.24 32.24
CA SER A 679 -1.27 16.45 32.00
C SER A 679 -0.22 16.23 30.92
N LYS A 680 0.52 15.14 31.04
CA LYS A 680 1.53 14.76 30.06
C LYS A 680 0.89 14.47 28.69
N ALA A 681 -0.21 13.73 28.71
CA ALA A 681 -0.89 13.32 27.47
C ALA A 681 -1.43 14.52 26.72
N TRP A 682 -2.10 15.44 27.43
CA TRP A 682 -2.60 16.64 26.75
C TRP A 682 -1.48 17.61 26.37
N GLY A 683 -0.37 17.61 27.10
CA GLY A 683 0.82 18.35 26.72
C GLY A 683 1.33 17.89 25.37
N GLU A 684 1.31 16.59 25.16
CA GLU A 684 1.77 16.04 23.88
C GLU A 684 0.77 16.37 22.75
N VAL A 685 -0.53 16.41 23.03
CA VAL A 685 -1.50 16.90 22.05
C VAL A 685 -1.13 18.31 21.62
N LYS A 686 -0.90 19.19 22.60
CA LYS A 686 -0.54 20.58 22.30
C LYS A 686 0.77 20.67 21.50
N ARG A 687 1.76 19.83 21.85
CA ARG A 687 2.99 19.81 21.08
C ARG A 687 2.72 19.47 19.61
N GLN A 688 1.88 18.50 19.38
CA GLN A 688 1.56 18.06 18.01
C GLN A 688 0.75 19.12 17.25
N ILE A 689 -0.12 19.85 17.96
CA ILE A 689 -0.82 20.96 17.31
C ILE A 689 0.17 22.01 16.85
N TYR A 690 1.15 22.37 17.67
CA TYR A 690 2.21 23.31 17.32
C TYR A 690 3.01 22.84 16.12
N VAL A 691 3.41 21.58 16.13
CA VAL A 691 4.20 21.06 15.00
C VAL A 691 3.38 21.13 13.70
N ALA A 692 2.10 20.77 13.79
CA ALA A 692 1.25 20.79 12.59
C ALA A 692 0.99 22.21 12.08
N ALA A 693 0.66 23.14 12.99
CA ALA A 693 0.41 24.55 12.59
C ALA A 693 1.65 25.17 11.98
N PHE A 694 2.81 24.90 12.62
CA PHE A 694 4.06 25.38 12.07
C PHE A 694 4.33 24.83 10.69
N THR A 695 4.12 23.54 10.50
CA THR A 695 4.44 22.91 9.21
C THR A 695 3.51 23.44 8.11
N VAL A 696 2.22 23.60 8.43
CA VAL A 696 1.29 24.15 7.44
C VAL A 696 1.68 25.57 7.07
N GLN A 697 2.01 26.41 8.05
CA GLN A 697 2.47 27.78 7.75
C GLN A 697 3.76 27.81 6.92
N ALA A 698 4.71 26.94 7.25
CA ALA A 698 5.96 26.88 6.56
C ALA A 698 5.77 26.45 5.11
N ALA A 699 4.87 25.48 4.89
CA ALA A 699 4.53 25.06 3.53
C ALA A 699 3.85 26.19 2.76
N ALA A 700 2.94 26.89 3.44
CA ALA A 700 2.32 28.07 2.81
C ALA A 700 3.36 29.09 2.35
N GLU A 701 4.34 29.38 3.21
CA GLU A 701 5.33 30.38 2.92
C GLU A 701 6.24 30.03 1.75
N THR A 702 6.34 28.74 1.38
CA THR A 702 7.06 28.36 0.20
C THR A 702 6.37 28.83 -1.12
N LEU A 703 5.09 29.18 -1.00
CA LEU A 703 4.30 29.71 -2.14
C LEU A 703 4.23 31.22 -2.16
N SER A 704 4.70 31.89 -1.11
CA SER A 704 4.85 33.36 -1.15
C SER A 704 5.83 33.80 -2.24
N GLU A 705 5.77 35.08 -2.63
CA GLU A 705 6.83 35.63 -3.44
C GLU A 705 8.20 35.37 -2.79
N VAL A 706 9.16 34.99 -3.59
CA VAL A 706 10.43 34.45 -3.08
C VAL A 706 11.37 35.50 -2.53
N ALA A 707 11.14 36.77 -2.89
CA ALA A 707 11.98 37.91 -2.45
C ALA A 707 11.29 39.19 -2.87
#